data_2A4M
#
_entry.id   2A4M
#
_cell.length_a   212.582
_cell.length_b   58.574
_cell.length_c   85.150
_cell.angle_alpha   90.00
_cell.angle_beta   96.64
_cell.angle_gamma   90.00
#
_symmetry.space_group_name_H-M   'C 1 2 1'
#
loop_
_entity.id
_entity.type
_entity.pdbx_description
1 polymer 'Tryptophanyl-tRNA synthetase II'
2 non-polymer TRYPTOPHAN
3 water water
#
_entity_poly.entity_id   1
_entity_poly.type   'polypeptide(L)'
_entity_poly.pdbx_seq_one_letter_code
;ARPRVLTGDRPTGALHLGHLAGSLQNRVRLQDEAELFVLLADVQALTDHFDRPEQVRENVLAVALDYLAAGLDPQKTTCV
VQSAVPELAELTVYFLNLVTVSHLRQNPTVKAEIAQKGYGERVPAGFFVYPVSQAADIAAFGATLVPVGDDQLPMLEQTR
EIVRRFNALYAPVLAEPQAQLSRVPRLPGLDGQAKMSKSLGNAIALGDSADEVARKVMGMYTDPGHLRASDPGRVEGNPV
FTFLDAFDPDPARVQALKDQYRAGGLGDVKVKKHLIDVLNGVLAPIRTRRAEYERDPDAVLRFVTEGTARGREVAAQTLG
QVRRAMRLFGH
;
_entity_poly.pdbx_strand_id   A,B,C
#
# COMPACT_ATOMS: atom_id res chain seq x y z
N ALA A 1 -1.63 13.49 27.17
CA ALA A 1 -1.56 12.93 25.79
C ALA A 1 -0.15 12.47 25.49
N ARG A 2 0.05 11.87 24.32
CA ARG A 2 1.38 11.42 23.92
C ARG A 2 1.59 11.47 22.39
N PRO A 3 1.07 10.50 21.62
CA PRO A 3 1.28 10.55 20.18
C PRO A 3 0.31 11.46 19.43
N ARG A 4 0.73 11.94 18.26
CA ARG A 4 -0.13 12.78 17.44
C ARG A 4 -0.88 11.80 16.55
N VAL A 5 -2.20 11.79 16.68
CA VAL A 5 -3.03 10.91 15.89
C VAL A 5 -3.81 11.73 14.89
N LEU A 6 -3.82 11.28 13.63
CA LEU A 6 -4.60 11.98 12.61
C LEU A 6 -5.65 11.04 12.07
N THR A 7 -6.89 11.49 12.10
CA THR A 7 -8.02 10.73 11.59
C THR A 7 -8.81 11.77 10.80
N GLY A 8 -9.76 11.34 10.00
CA GLY A 8 -10.57 12.28 9.23
C GLY A 8 -11.67 11.65 8.41
N ASP A 9 -12.47 12.49 7.75
CA ASP A 9 -13.56 12.03 6.92
C ASP A 9 -13.80 12.98 5.73
N ARG A 10 -14.25 12.41 4.60
CA ARG A 10 -14.57 13.20 3.42
C ARG A 10 -15.95 13.78 3.75
N PRO A 11 -16.04 15.10 3.93
CA PRO A 11 -17.34 15.68 4.24
C PRO A 11 -18.30 15.57 3.07
N THR A 12 -19.10 14.51 3.05
CA THR A 12 -20.06 14.32 1.96
C THR A 12 -21.47 14.10 2.48
N GLY A 13 -21.59 13.98 3.79
CA GLY A 13 -22.89 13.79 4.40
C GLY A 13 -22.71 13.56 5.88
N ALA A 14 -23.83 13.31 6.56
CA ALA A 14 -23.86 13.07 7.99
C ALA A 14 -23.20 11.75 8.33
N LEU A 15 -22.54 11.68 9.48
CA LEU A 15 -21.90 10.45 9.89
C LEU A 15 -22.97 9.46 10.37
N HIS A 16 -22.66 8.18 10.29
CA HIS A 16 -23.60 7.14 10.71
C HIS A 16 -22.99 6.17 11.70
N LEU A 17 -23.71 5.10 12.02
CA LEU A 17 -23.22 4.09 12.97
C LEU A 17 -21.91 3.47 12.54
N GLY A 18 -21.71 3.36 11.24
CA GLY A 18 -20.48 2.76 10.74
C GLY A 18 -19.27 3.55 11.22
N HIS A 19 -19.36 4.88 11.18
CA HIS A 19 -18.26 5.72 11.64
C HIS A 19 -18.12 5.54 13.15
N LEU A 20 -19.25 5.40 13.82
CA LEU A 20 -19.25 5.21 15.26
C LEU A 20 -18.44 3.99 15.68
N ALA A 21 -18.90 2.82 15.27
CA ALA A 21 -18.21 1.58 15.60
C ALA A 21 -16.88 1.57 14.88
N GLY A 22 -16.88 2.13 13.68
CA GLY A 22 -15.69 2.17 12.87
C GLY A 22 -14.56 3.00 13.43
N SER A 23 -14.88 4.12 14.09
CA SER A 23 -13.80 4.94 14.62
C SER A 23 -14.15 6.04 15.64
N LEU A 24 -15.25 6.75 15.45
CA LEU A 24 -15.62 7.83 16.36
C LEU A 24 -15.43 7.52 17.84
N GLN A 25 -15.97 6.39 18.30
CA GLN A 25 -15.82 6.06 19.71
C GLN A 25 -14.38 5.70 20.07
N ASN A 26 -13.58 5.37 19.07
CA ASN A 26 -12.19 5.03 19.32
C ASN A 26 -11.40 6.31 19.59
N ARG A 27 -11.65 7.35 18.79
CA ARG A 27 -10.93 8.60 18.99
C ARG A 27 -11.47 9.28 20.24
N VAL A 28 -12.72 9.00 20.57
CA VAL A 28 -13.31 9.59 21.77
C VAL A 28 -12.46 9.17 22.96
N ARG A 29 -11.91 7.96 22.90
CA ARG A 29 -11.08 7.43 23.98
C ARG A 29 -9.58 7.73 23.88
N LEU A 30 -9.07 7.94 22.68
CA LEU A 30 -7.65 8.25 22.53
C LEU A 30 -7.47 9.77 22.53
N GLN A 31 -8.59 10.45 22.68
CA GLN A 31 -8.66 11.92 22.70
C GLN A 31 -7.98 12.48 23.96
N ASP A 32 -7.93 11.68 25.01
CA ASP A 32 -7.30 12.10 26.25
C ASP A 32 -6.09 11.23 26.53
N GLU A 33 -5.76 10.40 25.53
CA GLU A 33 -4.63 9.50 25.62
C GLU A 33 -3.63 9.84 24.51
N ALA A 34 -3.83 11.00 23.88
CA ALA A 34 -2.96 11.46 22.80
C ALA A 34 -3.40 12.83 22.28
N GLU A 35 -2.73 13.31 21.24
CA GLU A 35 -3.08 14.61 20.64
C GLU A 35 -3.83 14.28 19.36
N LEU A 36 -5.16 14.31 19.44
CA LEU A 36 -6.03 13.98 18.33
C LEU A 36 -6.36 15.09 17.32
N PHE A 37 -6.08 14.82 16.06
CA PHE A 37 -6.41 15.75 14.99
C PHE A 37 -7.45 15.02 14.14
N VAL A 38 -8.53 15.73 13.83
CA VAL A 38 -9.58 15.17 13.00
C VAL A 38 -9.65 16.10 11.80
N LEU A 39 -9.32 15.56 10.64
CA LEU A 39 -9.31 16.32 9.41
C LEU A 39 -10.61 16.20 8.63
N LEU A 40 -11.26 17.32 8.40
CA LEU A 40 -12.46 17.32 7.60
C LEU A 40 -11.85 17.45 6.21
N ALA A 41 -11.69 16.31 5.56
CA ALA A 41 -11.06 16.22 4.25
C ALA A 41 -11.83 16.79 3.07
N ASP A 42 -12.00 18.10 3.17
CA ASP A 42 -12.64 18.99 2.22
C ASP A 42 -12.13 18.80 0.79
N VAL A 43 -10.81 18.87 0.64
CA VAL A 43 -10.15 18.74 -0.66
C VAL A 43 -10.26 17.34 -1.25
N GLN A 44 -10.05 16.33 -0.41
CA GLN A 44 -10.15 14.96 -0.90
C GLN A 44 -11.60 14.71 -1.31
N ALA A 45 -12.55 15.40 -0.67
CA ALA A 45 -13.96 15.22 -0.99
C ALA A 45 -14.26 15.64 -2.43
N LEU A 46 -13.56 16.68 -2.88
CA LEU A 46 -13.74 17.19 -4.22
C LEU A 46 -13.15 16.29 -5.33
N THR A 47 -12.31 15.32 -4.98
CA THR A 47 -11.77 14.47 -6.03
C THR A 47 -12.92 13.62 -6.56
N ASP A 48 -13.97 13.58 -5.75
CA ASP A 48 -15.20 12.83 -5.95
C ASP A 48 -16.42 13.74 -6.18
N HIS A 49 -16.45 14.87 -5.50
CA HIS A 49 -17.56 15.79 -5.63
C HIS A 49 -17.18 17.15 -6.19
N PHE A 50 -16.21 17.16 -7.10
CA PHE A 50 -15.77 18.39 -7.74
C PHE A 50 -16.92 19.10 -8.48
N ASP A 51 -18.00 18.38 -8.76
CA ASP A 51 -19.11 19.00 -9.47
C ASP A 51 -20.28 19.27 -8.54
N ARG A 52 -20.06 19.00 -7.26
CA ARG A 52 -21.07 19.25 -6.23
C ARG A 52 -20.42 19.96 -5.05
N PRO A 53 -19.67 21.03 -5.32
CA PRO A 53 -19.00 21.78 -4.24
C PRO A 53 -19.93 22.22 -3.11
N GLU A 54 -21.18 22.57 -3.46
CA GLU A 54 -22.17 22.98 -2.47
C GLU A 54 -22.35 21.87 -1.43
N GLN A 55 -22.43 20.64 -1.93
CA GLN A 55 -22.59 19.45 -1.11
C GLN A 55 -21.51 19.35 -0.03
N VAL A 56 -20.26 19.54 -0.44
CA VAL A 56 -19.11 19.46 0.48
C VAL A 56 -19.11 20.59 1.50
N ARG A 57 -19.26 21.82 1.03
CA ARG A 57 -19.29 22.99 1.89
C ARG A 57 -20.26 22.81 3.05
N GLU A 58 -21.50 22.48 2.72
CA GLU A 58 -22.55 22.28 3.72
C GLU A 58 -22.21 21.20 4.75
N ASN A 59 -21.52 20.15 4.32
CA ASN A 59 -21.22 19.06 5.22
C ASN A 59 -20.02 19.15 6.15
N VAL A 60 -19.24 20.22 6.00
CA VAL A 60 -18.10 20.42 6.88
C VAL A 60 -18.62 20.69 8.30
N LEU A 61 -19.51 21.68 8.42
CA LEU A 61 -20.10 22.03 9.70
C LEU A 61 -21.01 20.88 10.18
N ALA A 62 -21.65 20.20 9.24
CA ALA A 62 -22.53 19.09 9.57
C ALA A 62 -21.74 17.96 10.22
N VAL A 63 -20.60 17.60 9.63
CA VAL A 63 -19.79 16.52 10.19
C VAL A 63 -19.12 16.97 11.49
N ALA A 64 -18.75 18.24 11.56
CA ALA A 64 -18.13 18.76 12.78
C ALA A 64 -19.15 18.62 13.91
N LEU A 65 -20.41 18.90 13.62
CA LEU A 65 -21.46 18.76 14.63
C LEU A 65 -21.56 17.29 15.05
N ASP A 66 -21.45 16.37 14.08
CA ASP A 66 -21.50 14.94 14.39
C ASP A 66 -20.34 14.63 15.34
N TYR A 67 -19.19 15.24 15.06
CA TYR A 67 -18.00 15.04 15.89
C TYR A 67 -18.31 15.46 17.34
N LEU A 68 -18.88 16.63 17.51
CA LEU A 68 -19.18 17.15 18.84
C LEU A 68 -20.25 16.30 19.54
N ALA A 69 -21.28 15.90 18.80
CA ALA A 69 -22.35 15.08 19.34
C ALA A 69 -21.86 13.71 19.73
N ALA A 70 -20.83 13.22 19.04
CA ALA A 70 -20.30 11.90 19.32
C ALA A 70 -19.43 11.86 20.57
N GLY A 71 -19.08 13.01 21.13
CA GLY A 71 -18.27 12.99 22.33
C GLY A 71 -16.87 13.56 22.21
N LEU A 72 -16.56 14.20 21.09
CA LEU A 72 -15.26 14.80 20.91
C LEU A 72 -15.31 16.19 21.53
N ASP A 73 -14.53 16.38 22.59
CA ASP A 73 -14.42 17.63 23.33
C ASP A 73 -13.56 18.67 22.59
N PRO A 74 -14.08 19.90 22.40
CA PRO A 74 -13.31 20.95 21.72
C PRO A 74 -12.01 21.30 22.44
N GLN A 75 -11.91 20.95 23.71
CA GLN A 75 -10.72 21.23 24.49
C GLN A 75 -9.65 20.14 24.40
N LYS A 76 -9.94 19.07 23.67
CA LYS A 76 -8.97 17.98 23.54
C LYS A 76 -8.72 17.53 22.09
N THR A 77 -9.60 17.93 21.18
CA THR A 77 -9.42 17.55 19.78
C THR A 77 -9.32 18.77 18.85
N THR A 78 -8.43 18.65 17.86
CA THR A 78 -8.20 19.70 16.91
C THR A 78 -8.86 19.35 15.58
N CYS A 79 -9.93 20.07 15.27
CA CYS A 79 -10.69 19.85 14.05
C CYS A 79 -10.14 20.77 12.97
N VAL A 80 -9.75 20.20 11.82
CA VAL A 80 -9.16 21.01 10.77
C VAL A 80 -9.85 20.89 9.41
N VAL A 81 -10.13 22.04 8.79
CA VAL A 81 -10.74 22.05 7.47
C VAL A 81 -9.54 22.05 6.51
N GLN A 82 -9.42 20.96 5.77
CA GLN A 82 -8.34 20.74 4.82
C GLN A 82 -8.08 21.85 3.80
N SER A 83 -9.14 22.41 3.23
CA SER A 83 -8.98 23.45 2.23
C SER A 83 -8.44 24.75 2.82
N ALA A 84 -8.54 24.91 4.13
CA ALA A 84 -8.05 26.12 4.74
C ALA A 84 -6.59 25.95 5.15
N VAL A 85 -6.01 24.80 4.79
CA VAL A 85 -4.60 24.50 5.08
C VAL A 85 -3.96 24.17 3.73
N PRO A 86 -3.65 25.21 2.93
CA PRO A 86 -3.03 25.02 1.62
C PRO A 86 -1.68 24.35 1.66
N GLU A 87 -1.07 24.32 2.85
CA GLU A 87 0.22 23.68 3.02
C GLU A 87 0.12 22.21 2.65
N LEU A 88 -1.07 21.64 2.84
CA LEU A 88 -1.31 20.24 2.55
C LEU A 88 -1.24 19.96 1.04
N ALA A 89 -1.77 20.87 0.24
CA ALA A 89 -1.72 20.68 -1.21
C ALA A 89 -0.28 20.85 -1.67
N GLU A 90 0.41 21.81 -1.07
CA GLU A 90 1.81 22.07 -1.42
C GLU A 90 2.68 20.84 -1.19
N LEU A 91 2.47 20.16 -0.06
CA LEU A 91 3.26 18.97 0.25
C LEU A 91 2.80 17.81 -0.64
N THR A 92 1.54 17.86 -1.07
CA THR A 92 1.03 16.81 -1.93
C THR A 92 1.77 16.87 -3.26
N VAL A 93 1.96 18.07 -3.77
CA VAL A 93 2.68 18.22 -5.03
C VAL A 93 4.10 17.67 -4.94
N TYR A 94 4.81 17.98 -3.85
CA TYR A 94 6.19 17.50 -3.69
C TYR A 94 6.16 15.97 -3.59
N PHE A 95 5.19 15.45 -2.85
CA PHE A 95 5.08 14.01 -2.69
C PHE A 95 4.81 13.26 -3.99
N LEU A 96 4.14 13.91 -4.94
CA LEU A 96 3.81 13.23 -6.19
C LEU A 96 5.06 12.78 -6.94
N ASN A 97 6.19 13.41 -6.63
CA ASN A 97 7.44 13.07 -7.29
C ASN A 97 8.08 11.82 -6.69
N LEU A 98 7.60 11.40 -5.53
CA LEU A 98 8.19 10.26 -4.83
C LEU A 98 7.51 8.92 -5.08
N VAL A 99 6.56 8.88 -6.01
CA VAL A 99 5.86 7.65 -6.31
C VAL A 99 5.57 7.60 -7.80
N THR A 100 5.45 6.38 -8.33
CA THR A 100 5.20 6.18 -9.75
C THR A 100 3.71 5.93 -10.04
N VAL A 101 3.31 6.19 -11.29
CA VAL A 101 1.93 5.99 -11.70
C VAL A 101 1.53 4.53 -11.57
N SER A 102 2.44 3.65 -11.97
CA SER A 102 2.24 2.21 -11.89
C SER A 102 1.97 1.78 -10.46
N HIS A 103 2.74 2.32 -9.52
CA HIS A 103 2.56 1.96 -8.12
C HIS A 103 1.19 2.42 -7.61
N LEU A 104 0.79 3.61 -8.01
CA LEU A 104 -0.51 4.15 -7.61
C LEU A 104 -1.61 3.27 -8.22
N ARG A 105 -1.30 2.71 -9.38
CA ARG A 105 -2.26 1.88 -10.10
C ARG A 105 -2.59 0.56 -9.41
N GLN A 106 -1.72 0.09 -8.53
CA GLN A 106 -1.98 -1.17 -7.86
C GLN A 106 -2.60 -1.05 -6.48
N ASN A 107 -2.89 0.16 -6.02
CA ASN A 107 -3.50 0.33 -4.70
C ASN A 107 -4.87 -0.35 -4.78
N PRO A 108 -5.05 -1.46 -4.04
CA PRO A 108 -6.28 -2.26 -4.00
C PRO A 108 -7.57 -1.52 -3.62
N THR A 109 -7.49 -0.59 -2.68
CA THR A 109 -8.66 0.17 -2.26
C THR A 109 -9.13 1.14 -3.35
N VAL A 110 -8.19 1.87 -3.94
CA VAL A 110 -8.52 2.83 -4.99
C VAL A 110 -8.98 2.10 -6.23
N LYS A 111 -8.42 0.92 -6.46
CA LYS A 111 -8.79 0.13 -7.62
C LYS A 111 -10.26 -0.29 -7.52
N ALA A 112 -10.66 -0.79 -6.35
CA ALA A 112 -12.04 -1.21 -6.11
C ALA A 112 -12.98 0.00 -6.15
N GLU A 113 -12.54 1.12 -5.59
CA GLU A 113 -13.38 2.32 -5.61
C GLU A 113 -13.59 2.79 -7.06
N ILE A 114 -12.56 2.69 -7.89
CA ILE A 114 -12.67 3.10 -9.28
C ILE A 114 -13.66 2.17 -10.02
N ALA A 115 -13.51 0.87 -9.81
CA ALA A 115 -14.36 -0.14 -10.43
C ALA A 115 -15.81 0.09 -9.99
N GLN A 116 -16.00 0.44 -8.72
CA GLN A 116 -17.34 0.66 -8.19
C GLN A 116 -17.98 1.91 -8.81
N LYS A 117 -17.17 2.93 -9.04
CA LYS A 117 -17.67 4.18 -9.60
C LYS A 117 -17.88 4.12 -11.10
N GLY A 118 -17.34 3.09 -11.74
CA GLY A 118 -17.53 2.94 -13.18
C GLY A 118 -16.69 3.86 -14.04
N TYR A 119 -15.65 4.46 -13.46
CA TYR A 119 -14.77 5.37 -14.19
C TYR A 119 -14.08 4.74 -15.40
N GLY A 120 -13.59 3.51 -15.24
CA GLY A 120 -12.86 2.90 -16.33
C GLY A 120 -11.49 3.57 -16.34
N GLU A 121 -10.95 3.87 -17.50
CA GLU A 121 -9.64 4.52 -17.57
C GLU A 121 -9.85 6.02 -17.38
N ARG A 122 -11.11 6.44 -17.46
CA ARG A 122 -11.47 7.85 -17.31
C ARG A 122 -11.56 8.31 -15.85
N VAL A 123 -10.58 7.89 -15.04
CA VAL A 123 -10.50 8.25 -13.63
C VAL A 123 -10.04 9.72 -13.45
N PRO A 124 -10.75 10.51 -12.64
CA PRO A 124 -10.31 11.90 -12.45
C PRO A 124 -8.90 11.80 -11.87
N ALA A 125 -7.96 12.61 -12.36
CA ALA A 125 -6.58 12.57 -11.87
C ALA A 125 -6.47 12.73 -10.35
N GLY A 126 -7.23 13.67 -9.80
CA GLY A 126 -7.19 13.93 -8.36
C GLY A 126 -7.62 12.73 -7.53
N PHE A 127 -8.58 11.97 -8.04
CA PHE A 127 -9.05 10.79 -7.34
C PHE A 127 -7.99 9.69 -7.41
N PHE A 128 -7.43 9.51 -8.59
CA PHE A 128 -6.42 8.47 -8.79
C PHE A 128 -5.23 8.72 -7.88
N VAL A 129 -4.99 10.00 -7.63
CA VAL A 129 -3.88 10.44 -6.83
C VAL A 129 -4.20 10.70 -5.35
N TYR A 130 -5.43 10.46 -4.90
CA TYR A 130 -5.73 10.81 -3.50
C TYR A 130 -4.89 10.16 -2.40
N PRO A 131 -4.44 8.91 -2.59
CA PRO A 131 -3.64 8.33 -1.50
C PRO A 131 -2.39 9.17 -1.16
N VAL A 132 -1.82 9.88 -2.13
CA VAL A 132 -0.64 10.66 -1.79
C VAL A 132 -1.09 11.96 -1.12
N SER A 133 -2.32 12.38 -1.41
CA SER A 133 -2.81 13.57 -0.77
C SER A 133 -2.98 13.21 0.70
N GLN A 134 -3.41 11.98 0.97
CA GLN A 134 -3.59 11.55 2.35
C GLN A 134 -2.23 11.45 3.01
N ALA A 135 -1.23 10.99 2.27
CA ALA A 135 0.11 10.87 2.79
C ALA A 135 0.59 12.25 3.25
N ALA A 136 0.25 13.28 2.47
CA ALA A 136 0.63 14.66 2.76
C ALA A 136 -0.05 15.15 4.04
N ASP A 137 -1.31 14.74 4.22
CA ASP A 137 -2.11 15.10 5.38
C ASP A 137 -1.39 14.59 6.62
N ILE A 138 -1.06 13.29 6.59
CA ILE A 138 -0.41 12.63 7.71
C ILE A 138 0.91 13.26 8.08
N ALA A 139 1.80 13.37 7.10
CA ALA A 139 3.12 13.93 7.34
C ALA A 139 3.11 15.40 7.70
N ALA A 140 2.17 16.16 7.14
CA ALA A 140 2.13 17.58 7.42
C ALA A 140 1.76 17.89 8.87
N PHE A 141 0.93 17.04 9.46
CA PHE A 141 0.51 17.21 10.84
C PHE A 141 1.42 16.47 11.81
N GLY A 142 2.46 15.81 11.29
CA GLY A 142 3.39 15.10 12.14
C GLY A 142 2.79 13.91 12.87
N ALA A 143 1.70 13.38 12.32
CA ALA A 143 1.03 12.25 12.93
C ALA A 143 1.91 11.02 12.96
N THR A 144 1.99 10.40 14.12
CA THR A 144 2.79 9.20 14.27
C THR A 144 1.86 7.99 14.40
N LEU A 145 0.60 8.24 14.74
CA LEU A 145 -0.37 7.16 14.89
C LEU A 145 -1.62 7.40 14.03
N VAL A 146 -1.95 6.43 13.18
CA VAL A 146 -3.12 6.58 12.33
C VAL A 146 -4.07 5.38 12.37
N PRO A 147 -5.23 5.53 13.04
CA PRO A 147 -6.14 4.40 13.07
C PRO A 147 -6.48 4.03 11.63
N VAL A 148 -6.45 2.75 11.32
CA VAL A 148 -6.75 2.30 9.97
C VAL A 148 -7.60 1.03 9.93
N GLY A 149 -8.70 1.12 9.20
CA GLY A 149 -9.55 -0.05 9.05
C GLY A 149 -8.77 -0.98 8.16
N ASP A 150 -9.05 -2.28 8.25
CA ASP A 150 -8.32 -3.25 7.43
C ASP A 150 -8.21 -2.78 5.98
N ASP A 151 -9.19 -2.01 5.55
CA ASP A 151 -9.27 -1.51 4.18
C ASP A 151 -8.37 -0.34 3.81
N GLN A 152 -7.88 0.39 4.80
CA GLN A 152 -7.05 1.55 4.52
C GLN A 152 -5.56 1.37 4.81
N LEU A 153 -5.12 0.11 4.92
CA LEU A 153 -3.72 -0.17 5.17
C LEU A 153 -2.83 0.19 3.98
N PRO A 154 -3.29 -0.08 2.75
CA PRO A 154 -2.44 0.25 1.60
C PRO A 154 -1.99 1.70 1.62
N MET A 155 -2.93 2.58 1.94
CA MET A 155 -2.65 4.00 2.00
C MET A 155 -1.67 4.31 3.13
N LEU A 156 -1.84 3.66 4.28
CA LEU A 156 -0.93 3.88 5.40
C LEU A 156 0.46 3.47 4.96
N GLU A 157 0.58 2.27 4.39
CA GLU A 157 1.85 1.75 3.94
C GLU A 157 2.50 2.61 2.86
N GLN A 158 1.70 3.19 1.97
CA GLN A 158 2.27 4.05 0.94
C GLN A 158 2.72 5.37 1.55
N THR A 159 2.09 5.78 2.64
CA THR A 159 2.52 7.00 3.28
C THR A 159 3.92 6.74 3.87
N ARG A 160 4.08 5.63 4.57
CA ARG A 160 5.35 5.26 5.19
C ARG A 160 6.46 5.19 4.16
N GLU A 161 6.10 4.66 2.99
CA GLU A 161 7.03 4.53 1.89
C GLU A 161 7.42 5.90 1.36
N ILE A 162 6.44 6.74 1.11
CA ILE A 162 6.75 8.07 0.61
C ILE A 162 7.61 8.80 1.65
N VAL A 163 7.21 8.75 2.93
CA VAL A 163 7.93 9.43 4.01
C VAL A 163 9.40 8.97 4.11
N ARG A 164 9.61 7.67 3.96
CA ARG A 164 10.95 7.11 4.04
C ARG A 164 11.81 7.61 2.88
N ARG A 165 11.26 7.59 1.67
CA ARG A 165 11.99 8.06 0.52
C ARG A 165 12.33 9.55 0.65
N PHE A 166 11.41 10.31 1.23
CA PHE A 166 11.62 11.73 1.43
C PHE A 166 12.78 11.95 2.40
N ASN A 167 12.81 11.21 3.50
CA ASN A 167 13.87 11.36 4.48
C ASN A 167 15.24 10.98 3.94
N ALA A 168 15.27 9.98 3.06
CA ALA A 168 16.52 9.52 2.47
C ALA A 168 17.04 10.48 1.40
N LEU A 169 16.14 10.94 0.53
CA LEU A 169 16.50 11.84 -0.54
C LEU A 169 16.90 13.24 -0.07
N TYR A 170 16.11 13.81 0.85
CA TYR A 170 16.38 15.15 1.35
C TYR A 170 16.96 15.14 2.76
N ALA A 171 16.12 15.25 3.78
CA ALA A 171 16.61 15.21 5.15
C ALA A 171 15.53 14.54 5.98
N PRO A 172 15.92 13.70 6.95
CA PRO A 172 14.95 12.98 7.80
C PRO A 172 14.20 13.90 8.75
N VAL A 173 13.23 14.64 8.23
CA VAL A 173 12.46 15.55 9.05
C VAL A 173 11.00 15.12 9.18
N LEU A 174 10.66 14.00 8.57
CA LEU A 174 9.30 13.48 8.62
C LEU A 174 9.23 12.20 9.44
N ALA A 175 8.09 11.99 10.10
CA ALA A 175 7.91 10.79 10.92
C ALA A 175 7.12 9.73 10.20
N GLU A 176 7.55 8.47 10.29
CA GLU A 176 6.81 7.40 9.66
C GLU A 176 5.64 7.08 10.59
N PRO A 177 4.42 7.21 10.09
CA PRO A 177 3.26 6.93 10.93
C PRO A 177 3.11 5.43 11.13
N GLN A 178 2.63 5.02 12.30
CA GLN A 178 2.38 3.61 12.55
C GLN A 178 0.86 3.45 12.50
N ALA A 179 0.41 2.24 12.28
CA ALA A 179 -1.01 1.99 12.19
C ALA A 179 -1.58 1.53 13.51
N GLN A 180 -2.84 1.87 13.74
CA GLN A 180 -3.55 1.40 14.91
C GLN A 180 -4.68 0.58 14.32
N LEU A 181 -4.58 -0.73 14.43
CA LEU A 181 -5.60 -1.63 13.92
C LEU A 181 -6.80 -1.66 14.87
N SER A 182 -7.97 -2.00 14.32
CA SER A 182 -9.18 -2.10 15.12
C SER A 182 -9.70 -3.53 15.10
N ARG A 183 -10.71 -3.81 15.91
CA ARG A 183 -11.30 -5.15 15.99
C ARG A 183 -12.47 -5.26 15.05
N VAL A 184 -13.55 -4.54 15.39
CA VAL A 184 -14.75 -4.54 14.59
C VAL A 184 -14.42 -4.14 13.16
N PRO A 185 -14.60 -5.06 12.20
CA PRO A 185 -14.31 -4.74 10.81
C PRO A 185 -15.40 -3.81 10.29
N ARG A 186 -15.34 -3.46 9.01
CA ARG A 186 -16.32 -2.56 8.41
C ARG A 186 -17.74 -2.99 8.75
N LEU A 187 -18.38 -2.25 9.66
CA LEU A 187 -19.75 -2.53 10.07
C LEU A 187 -20.57 -2.65 8.77
N PRO A 188 -21.38 -3.71 8.64
CA PRO A 188 -22.18 -3.84 7.42
C PRO A 188 -23.37 -2.89 7.40
N GLY A 189 -23.92 -2.69 6.21
CA GLY A 189 -25.08 -1.83 6.09
C GLY A 189 -26.32 -2.60 6.54
N LEU A 190 -27.46 -1.92 6.55
CA LEU A 190 -28.71 -2.56 6.94
C LEU A 190 -29.01 -3.59 5.86
N ASP A 191 -28.60 -3.24 4.63
CA ASP A 191 -28.75 -4.06 3.43
C ASP A 191 -28.27 -5.49 3.61
N GLY A 192 -27.17 -5.65 4.32
CA GLY A 192 -26.58 -6.96 4.48
C GLY A 192 -25.27 -6.88 3.72
N GLN A 193 -25.07 -5.74 3.08
CA GLN A 193 -23.86 -5.46 2.31
C GLN A 193 -22.67 -5.42 3.28
N ALA A 194 -21.51 -5.06 2.75
CA ALA A 194 -20.30 -4.98 3.56
C ALA A 194 -20.11 -3.53 3.99
N LYS A 195 -20.47 -2.60 3.11
CA LYS A 195 -20.32 -1.18 3.40
C LYS A 195 -21.63 -0.48 3.76
N MET A 196 -21.57 0.35 4.79
CA MET A 196 -22.72 1.13 5.20
C MET A 196 -22.39 2.53 4.68
N SER A 197 -23.33 3.15 3.99
CA SER A 197 -23.09 4.46 3.43
C SER A 197 -24.42 5.11 3.02
N LYS A 198 -24.56 6.41 3.27
CA LYS A 198 -25.79 7.10 2.90
C LYS A 198 -26.04 6.91 1.41
N SER A 199 -24.96 6.77 0.64
CA SER A 199 -25.05 6.56 -0.81
C SER A 199 -25.87 5.30 -1.06
N LEU A 200 -25.38 4.21 -0.50
CA LEU A 200 -26.02 2.91 -0.62
C LEU A 200 -27.39 2.91 0.03
N GLY A 201 -27.70 3.95 0.81
CA GLY A 201 -28.98 4.04 1.49
C GLY A 201 -29.25 3.00 2.55
N ASN A 202 -28.20 2.39 3.08
CA ASN A 202 -28.33 1.35 4.09
C ASN A 202 -27.74 1.82 5.41
N ALA A 203 -27.87 3.11 5.70
CA ALA A 203 -27.29 3.63 6.93
C ALA A 203 -28.23 4.24 7.94
N ILE A 204 -27.78 4.19 9.19
CA ILE A 204 -28.48 4.76 10.31
C ILE A 204 -27.61 5.93 10.73
N ALA A 205 -28.07 7.15 10.45
CA ALA A 205 -27.30 8.35 10.80
C ALA A 205 -27.35 8.63 12.30
N LEU A 206 -26.31 9.26 12.81
CA LEU A 206 -26.22 9.58 14.25
C LEU A 206 -27.32 10.55 14.68
N GLY A 207 -27.89 11.27 13.71
CA GLY A 207 -28.95 12.22 14.01
C GLY A 207 -30.35 11.73 13.69
N ASP A 208 -30.50 10.42 13.45
CA ASP A 208 -31.82 9.86 13.15
C ASP A 208 -32.63 9.77 14.45
N SER A 209 -33.94 9.98 14.34
CA SER A 209 -34.84 9.94 15.50
C SER A 209 -34.98 8.53 16.07
N ALA A 210 -35.57 8.45 17.25
CA ALA A 210 -35.77 7.16 17.91
C ALA A 210 -36.66 6.28 17.05
N ASP A 211 -37.60 6.91 16.34
CA ASP A 211 -38.51 6.16 15.48
C ASP A 211 -37.77 5.59 14.28
N GLU A 212 -37.04 6.45 13.58
CA GLU A 212 -36.29 6.04 12.40
C GLU A 212 -35.28 4.95 12.72
N VAL A 213 -34.57 5.06 13.84
CA VAL A 213 -33.60 4.04 14.18
C VAL A 213 -34.35 2.70 14.29
N ALA A 214 -35.52 2.72 14.93
CA ALA A 214 -36.33 1.53 15.10
C ALA A 214 -36.77 1.00 13.74
N ARG A 215 -37.28 1.91 12.90
CA ARG A 215 -37.74 1.53 11.58
C ARG A 215 -36.62 0.88 10.80
N LYS A 216 -35.46 1.55 10.78
CA LYS A 216 -34.28 1.03 10.07
C LYS A 216 -33.96 -0.39 10.48
N VAL A 217 -33.97 -0.66 11.78
CA VAL A 217 -33.66 -1.99 12.30
C VAL A 217 -34.73 -3.02 11.90
N MET A 218 -35.97 -2.58 11.84
CA MET A 218 -37.08 -3.45 11.47
C MET A 218 -37.00 -3.90 10.01
N GLY A 219 -36.43 -3.05 9.16
CA GLY A 219 -36.32 -3.39 7.76
C GLY A 219 -34.98 -4.02 7.44
N MET A 220 -34.10 -4.02 8.42
CA MET A 220 -32.76 -4.57 8.30
C MET A 220 -32.79 -6.01 7.76
N TYR A 221 -31.87 -6.33 6.86
CA TYR A 221 -31.79 -7.68 6.29
C TYR A 221 -31.52 -8.63 7.44
N THR A 222 -32.02 -9.85 7.35
CA THR A 222 -31.81 -10.82 8.42
C THR A 222 -31.34 -12.18 7.92
N ASP A 223 -32.25 -12.97 7.36
CA ASP A 223 -31.88 -14.29 6.87
C ASP A 223 -32.99 -14.99 6.11
N PRO A 224 -32.82 -15.17 4.80
CA PRO A 224 -33.86 -15.86 4.02
C PRO A 224 -33.84 -17.32 4.45
N GLY A 225 -34.79 -18.12 4.00
CA GLY A 225 -34.81 -19.51 4.41
C GLY A 225 -35.42 -19.56 5.79
N HIS A 226 -35.26 -18.47 6.53
CA HIS A 226 -35.82 -18.34 7.86
C HIS A 226 -37.10 -17.55 7.61
N LEU A 227 -38.17 -18.26 7.27
CA LEU A 227 -39.45 -17.64 6.96
C LEU A 227 -40.30 -17.32 8.18
N ARG A 228 -40.31 -18.21 9.16
CA ARG A 228 -41.10 -17.99 10.37
C ARG A 228 -40.31 -18.27 11.65
N ALA A 229 -40.63 -17.52 12.70
CA ALA A 229 -39.98 -17.62 13.99
C ALA A 229 -39.48 -19.03 14.33
N SER A 230 -40.41 -19.90 14.71
CA SER A 230 -40.09 -21.28 15.09
C SER A 230 -38.83 -21.84 14.41
N ASP A 231 -38.83 -21.85 13.08
CA ASP A 231 -37.69 -22.36 12.31
C ASP A 231 -36.34 -21.96 12.88
N PRO A 232 -35.32 -22.78 12.61
CA PRO A 232 -33.95 -22.53 13.09
C PRO A 232 -33.26 -21.52 12.16
N GLY A 233 -32.48 -20.63 12.75
CA GLY A 233 -31.79 -19.63 11.95
C GLY A 233 -30.29 -19.69 12.14
N ARG A 234 -29.56 -19.01 11.27
CA ARG A 234 -28.09 -19.00 11.38
C ARG A 234 -27.54 -17.57 11.40
N VAL A 235 -26.56 -17.36 12.27
CA VAL A 235 -25.93 -16.06 12.47
C VAL A 235 -25.14 -15.52 11.28
N GLU A 236 -24.32 -16.36 10.67
CA GLU A 236 -23.51 -15.93 9.53
C GLU A 236 -24.31 -15.16 8.48
N GLY A 237 -23.79 -13.99 8.09
CA GLY A 237 -24.45 -13.17 7.09
C GLY A 237 -25.58 -12.31 7.63
N ASN A 238 -25.94 -12.52 8.90
CA ASN A 238 -27.02 -11.78 9.52
C ASN A 238 -26.48 -10.47 10.12
N PRO A 239 -26.83 -9.33 9.52
CA PRO A 239 -26.36 -8.04 10.03
C PRO A 239 -26.80 -7.65 11.45
N VAL A 240 -27.88 -8.24 11.95
CA VAL A 240 -28.33 -7.90 13.30
C VAL A 240 -27.33 -8.36 14.35
N PHE A 241 -26.73 -9.53 14.12
CA PHE A 241 -25.76 -10.07 15.07
C PHE A 241 -24.41 -9.36 14.99
N THR A 242 -23.96 -9.04 13.79
CA THR A 242 -22.69 -8.34 13.65
C THR A 242 -22.89 -6.90 14.11
N PHE A 243 -24.15 -6.51 14.27
CA PHE A 243 -24.49 -5.17 14.75
C PHE A 243 -24.37 -5.22 16.27
N LEU A 244 -24.95 -6.26 16.86
CA LEU A 244 -24.92 -6.45 18.29
C LEU A 244 -23.48 -6.66 18.74
N ASP A 245 -22.69 -7.28 17.87
CA ASP A 245 -21.29 -7.57 18.15
C ASP A 245 -20.42 -6.31 18.22
N ALA A 246 -20.99 -5.16 17.87
CA ALA A 246 -20.24 -3.92 17.90
C ALA A 246 -20.92 -2.83 18.71
N PHE A 247 -22.16 -3.07 19.12
CA PHE A 247 -22.89 -2.06 19.88
C PHE A 247 -23.45 -2.59 21.20
N ASP A 248 -23.40 -3.89 21.40
CA ASP A 248 -23.92 -4.48 22.63
C ASP A 248 -22.79 -4.84 23.61
N PRO A 249 -22.84 -4.25 24.83
CA PRO A 249 -21.85 -4.46 25.88
C PRO A 249 -21.84 -5.83 26.57
N ASP A 250 -22.97 -6.52 26.58
CA ASP A 250 -23.04 -7.83 27.21
C ASP A 250 -22.92 -8.97 26.20
N PRO A 251 -21.69 -9.45 25.96
CA PRO A 251 -21.47 -10.54 25.01
C PRO A 251 -22.12 -11.84 25.49
N ALA A 252 -22.02 -12.09 26.79
CA ALA A 252 -22.62 -13.29 27.38
C ALA A 252 -24.09 -13.29 27.00
N ARG A 253 -24.61 -12.08 26.79
CA ARG A 253 -25.99 -11.89 26.41
C ARG A 253 -26.12 -12.11 24.90
N VAL A 254 -25.12 -11.65 24.15
CA VAL A 254 -25.11 -11.82 22.70
C VAL A 254 -24.99 -13.29 22.33
N GLN A 255 -23.93 -13.93 22.83
CA GLN A 255 -23.70 -15.34 22.56
C GLN A 255 -24.93 -16.16 22.93
N ALA A 256 -25.79 -15.58 23.76
CA ALA A 256 -27.00 -16.24 24.20
C ALA A 256 -28.04 -16.32 23.07
N LEU A 257 -28.44 -15.16 22.55
CA LEU A 257 -29.41 -15.13 21.46
C LEU A 257 -28.90 -15.95 20.29
N LYS A 258 -27.57 -16.04 20.18
CA LYS A 258 -26.92 -16.78 19.12
C LYS A 258 -27.22 -18.27 19.24
N ASP A 259 -27.40 -18.74 20.47
CA ASP A 259 -27.70 -20.14 20.72
C ASP A 259 -29.13 -20.42 20.34
N GLN A 260 -30.05 -19.73 21.01
CA GLN A 260 -31.47 -19.88 20.77
C GLN A 260 -31.80 -19.71 19.29
N TYR A 261 -31.19 -18.70 18.68
CA TYR A 261 -31.43 -18.41 17.26
C TYR A 261 -31.11 -19.63 16.39
N ARG A 262 -29.98 -20.27 16.66
CA ARG A 262 -29.55 -21.43 15.92
C ARG A 262 -30.43 -22.64 16.23
N ALA A 263 -31.24 -22.50 17.27
CA ALA A 263 -32.14 -23.58 17.70
C ALA A 263 -33.53 -23.36 17.10
N GLY A 264 -34.38 -22.64 17.83
CA GLY A 264 -35.72 -22.38 17.34
C GLY A 264 -36.64 -21.92 18.46
N GLY A 265 -36.55 -20.64 18.81
CA GLY A 265 -37.36 -20.09 19.87
C GLY A 265 -36.95 -18.66 20.16
N LEU A 266 -36.41 -18.02 19.13
CA LEU A 266 -35.96 -16.64 19.24
C LEU A 266 -36.30 -15.93 17.94
N GLY A 267 -37.54 -15.48 17.82
CA GLY A 267 -37.98 -14.80 16.61
C GLY A 267 -37.08 -13.65 16.23
N ASP A 268 -36.89 -13.45 14.92
CA ASP A 268 -36.04 -12.37 14.42
C ASP A 268 -36.48 -11.02 14.99
N VAL A 269 -37.76 -10.89 15.28
CA VAL A 269 -38.28 -9.65 15.84
C VAL A 269 -37.67 -9.41 17.21
N LYS A 270 -37.60 -10.47 18.01
CA LYS A 270 -37.04 -10.39 19.35
C LYS A 270 -35.60 -9.90 19.27
N VAL A 271 -34.81 -10.52 18.39
CA VAL A 271 -33.42 -10.12 18.21
C VAL A 271 -33.43 -8.64 17.85
N LYS A 272 -34.26 -8.27 16.88
CA LYS A 272 -34.35 -6.88 16.46
C LYS A 272 -34.79 -5.96 17.58
N LYS A 273 -35.95 -6.23 18.19
CA LYS A 273 -36.44 -5.37 19.27
C LYS A 273 -35.32 -5.10 20.27
N HIS A 274 -34.61 -6.15 20.64
CA HIS A 274 -33.52 -6.01 21.59
C HIS A 274 -32.46 -5.07 21.02
N LEU A 275 -31.96 -5.39 19.83
CA LEU A 275 -30.94 -4.57 19.20
C LEU A 275 -31.33 -3.10 19.07
N ILE A 276 -32.59 -2.81 18.77
CA ILE A 276 -32.97 -1.41 18.61
C ILE A 276 -32.75 -0.58 19.88
N ASP A 277 -32.91 -1.19 21.05
CA ASP A 277 -32.69 -0.44 22.28
C ASP A 277 -31.22 -0.45 22.68
N VAL A 278 -30.44 -1.43 22.20
CA VAL A 278 -29.04 -1.42 22.51
C VAL A 278 -28.48 -0.24 21.71
N LEU A 279 -29.11 0.04 20.56
CA LEU A 279 -28.69 1.16 19.72
C LEU A 279 -29.23 2.46 20.30
N ASN A 280 -30.44 2.42 20.86
CA ASN A 280 -31.00 3.63 21.44
C ASN A 280 -30.20 4.04 22.67
N GLY A 281 -29.62 3.06 23.34
CA GLY A 281 -28.84 3.34 24.53
C GLY A 281 -27.50 3.98 24.21
N VAL A 282 -26.91 3.54 23.11
CA VAL A 282 -25.62 4.08 22.68
C VAL A 282 -25.79 5.45 22.04
N LEU A 283 -27.00 5.74 21.55
CA LEU A 283 -27.30 7.02 20.89
C LEU A 283 -27.95 8.06 21.77
N ALA A 284 -28.62 7.63 22.83
CA ALA A 284 -29.30 8.54 23.73
C ALA A 284 -28.50 9.83 24.05
N PRO A 285 -27.30 9.68 24.62
CA PRO A 285 -26.52 10.87 24.92
C PRO A 285 -26.20 11.68 23.67
N ILE A 286 -25.79 11.00 22.60
CA ILE A 286 -25.44 11.65 21.34
C ILE A 286 -26.51 12.65 20.89
N ARG A 287 -27.77 12.25 20.98
CA ARG A 287 -28.87 13.12 20.56
C ARG A 287 -28.95 14.40 21.40
N THR A 288 -28.79 14.25 22.72
CA THR A 288 -28.87 15.40 23.62
C THR A 288 -27.68 16.34 23.46
N ARG A 289 -26.52 15.76 23.14
CA ARG A 289 -25.31 16.54 22.93
C ARG A 289 -25.51 17.35 21.65
N ARG A 290 -26.05 16.68 20.64
CA ARG A 290 -26.30 17.31 19.35
C ARG A 290 -27.19 18.54 19.56
N ALA A 291 -28.29 18.34 20.28
CA ALA A 291 -29.24 19.40 20.55
C ALA A 291 -28.55 20.62 21.17
N GLU A 292 -27.66 20.36 22.11
CA GLU A 292 -26.94 21.43 22.78
C GLU A 292 -26.14 22.27 21.79
N TYR A 293 -25.44 21.63 20.86
CA TYR A 293 -24.66 22.36 19.88
C TYR A 293 -25.55 22.97 18.80
N GLU A 294 -26.65 22.32 18.48
CA GLU A 294 -27.57 22.85 17.48
C GLU A 294 -28.07 24.21 17.96
N ARG A 295 -28.19 24.35 19.27
CA ARG A 295 -28.65 25.61 19.85
C ARG A 295 -27.48 26.56 20.01
N ASP A 296 -26.28 26.01 19.97
CA ASP A 296 -25.05 26.80 20.09
C ASP A 296 -24.22 26.64 18.82
N PRO A 297 -24.78 27.06 17.66
CA PRO A 297 -24.14 26.97 16.34
C PRO A 297 -22.82 27.75 16.31
N ASP A 298 -22.79 28.83 17.07
CA ASP A 298 -21.60 29.67 17.18
C ASP A 298 -20.44 28.81 17.68
N ALA A 299 -20.75 27.91 18.61
CA ALA A 299 -19.76 27.03 19.19
C ALA A 299 -19.19 26.06 18.14
N VAL A 300 -20.06 25.53 17.28
CA VAL A 300 -19.61 24.61 16.23
C VAL A 300 -18.55 25.26 15.35
N LEU A 301 -18.84 26.47 14.92
CA LEU A 301 -17.98 27.26 14.05
C LEU A 301 -16.68 27.57 14.79
N ARG A 302 -16.79 27.72 16.10
CA ARG A 302 -15.64 28.00 16.94
C ARG A 302 -14.67 26.83 16.87
N PHE A 303 -15.20 25.65 17.16
CA PHE A 303 -14.45 24.40 17.16
C PHE A 303 -13.66 24.27 15.84
N VAL A 304 -14.34 24.55 14.74
CA VAL A 304 -13.76 24.48 13.40
C VAL A 304 -12.71 25.55 13.09
N THR A 305 -13.01 26.81 13.39
CA THR A 305 -12.07 27.87 13.10
C THR A 305 -10.82 27.79 14.00
N GLU A 306 -11.02 27.50 15.29
CA GLU A 306 -9.89 27.42 16.21
C GLU A 306 -9.02 26.21 15.92
N GLY A 307 -9.66 25.09 15.59
CA GLY A 307 -8.92 23.88 15.28
C GLY A 307 -8.11 24.04 13.99
N THR A 308 -8.71 24.69 13.02
CA THR A 308 -8.05 24.90 11.73
C THR A 308 -6.84 25.80 11.90
N ALA A 309 -7.00 26.87 12.67
CA ALA A 309 -5.90 27.80 12.91
C ALA A 309 -4.73 27.03 13.55
N ARG A 310 -5.07 26.23 14.55
CA ARG A 310 -4.10 25.42 15.28
C ARG A 310 -3.43 24.39 14.37
N GLY A 311 -4.22 23.68 13.58
CA GLY A 311 -3.65 22.70 12.68
C GLY A 311 -2.76 23.34 11.62
N ARG A 312 -3.15 24.50 11.12
CA ARG A 312 -2.34 25.15 10.11
C ARG A 312 -0.98 25.51 10.70
N GLU A 313 -0.97 25.89 11.96
CA GLU A 313 0.27 26.26 12.62
C GLU A 313 1.21 25.08 12.62
N VAL A 314 0.67 23.88 12.81
CA VAL A 314 1.49 22.69 12.81
C VAL A 314 1.96 22.37 11.39
N ALA A 315 1.04 22.47 10.44
CA ALA A 315 1.34 22.20 9.06
C ALA A 315 2.44 23.15 8.55
N ALA A 316 2.33 24.43 8.91
CA ALA A 316 3.31 25.42 8.49
C ALA A 316 4.65 25.10 9.08
N GLN A 317 4.68 24.66 10.34
CA GLN A 317 5.95 24.31 10.95
C GLN A 317 6.58 23.18 10.12
N THR A 318 5.84 22.10 9.89
CA THR A 318 6.37 20.98 9.11
C THR A 318 6.82 21.36 7.69
N LEU A 319 6.04 22.16 6.99
CA LEU A 319 6.42 22.57 5.64
C LEU A 319 7.72 23.38 5.68
N GLY A 320 7.89 24.19 6.73
CA GLY A 320 9.11 24.97 6.85
C GLY A 320 10.28 24.02 6.85
N GLN A 321 10.18 22.95 7.63
CA GLN A 321 11.25 21.96 7.68
C GLN A 321 11.37 21.21 6.35
N VAL A 322 10.23 21.05 5.66
CA VAL A 322 10.23 20.34 4.39
C VAL A 322 10.93 21.15 3.29
N ARG A 323 10.56 22.42 3.16
CA ARG A 323 11.15 23.29 2.15
C ARG A 323 12.66 23.44 2.28
N ARG A 324 13.18 23.45 3.51
CA ARG A 324 14.63 23.56 3.71
C ARG A 324 15.28 22.19 3.47
N ALA A 325 14.57 21.11 3.83
CA ALA A 325 15.12 19.77 3.60
C ALA A 325 15.27 19.56 2.10
N MET A 326 14.34 20.12 1.32
CA MET A 326 14.36 20.00 -0.13
C MET A 326 15.26 21.01 -0.81
N ARG A 327 15.86 21.89 -0.03
CA ARG A 327 16.76 22.89 -0.56
C ARG A 327 16.11 23.80 -1.60
N LEU A 328 14.82 24.04 -1.43
CA LEU A 328 14.10 24.93 -2.33
C LEU A 328 14.77 26.28 -2.19
N PHE A 329 14.85 27.01 -3.29
CA PHE A 329 15.49 28.32 -3.30
C PHE A 329 14.88 29.22 -2.24
N GLY A 330 15.73 29.91 -1.48
CA GLY A 330 15.25 30.79 -0.42
C GLY A 330 15.32 30.26 1.00
N HIS A 331 15.51 28.95 1.18
CA HIS A 331 15.59 28.37 2.54
C HIS A 331 16.77 27.43 2.72
N ALA B 1 -8.08 -45.58 32.25
CA ALA B 1 -6.72 -45.03 32.48
C ALA B 1 -6.75 -43.51 32.50
N ARG B 2 -5.77 -42.91 33.17
CA ARG B 2 -5.69 -41.46 33.27
C ARG B 2 -4.35 -40.84 32.86
N PRO B 3 -3.62 -41.49 31.94
CA PRO B 3 -2.36 -40.85 31.57
C PRO B 3 -2.68 -39.68 30.65
N ARG B 4 -2.08 -38.53 30.88
CA ARG B 4 -2.34 -37.36 30.05
C ARG B 4 -1.41 -37.37 28.85
N VAL B 5 -1.98 -37.54 27.67
CA VAL B 5 -1.19 -37.58 26.45
C VAL B 5 -1.28 -36.28 25.68
N LEU B 6 -0.15 -35.82 25.17
CA LEU B 6 -0.11 -34.60 24.39
C LEU B 6 0.42 -34.92 23.00
N THR B 7 -0.35 -34.53 21.99
CA THR B 7 0.00 -34.73 20.59
C THR B 7 -0.23 -33.42 19.86
N GLY B 8 0.45 -33.21 18.74
CA GLY B 8 0.25 -31.97 18.01
C GLY B 8 0.83 -31.90 16.62
N ASP B 9 0.42 -30.88 15.88
CA ASP B 9 0.90 -30.65 14.51
C ASP B 9 1.04 -29.15 14.25
N ARG B 10 1.97 -28.77 13.38
CA ARG B 10 2.13 -27.37 13.04
C ARG B 10 1.02 -27.18 12.01
N PRO B 11 0.04 -26.31 12.27
CA PRO B 11 -1.02 -26.15 11.27
C PRO B 11 -0.48 -25.51 9.99
N THR B 12 -0.02 -26.35 9.07
CA THR B 12 0.53 -25.85 7.82
C THR B 12 -0.37 -26.14 6.62
N GLY B 13 -1.29 -27.09 6.77
CA GLY B 13 -2.20 -27.43 5.69
C GLY B 13 -2.99 -28.68 5.98
N ALA B 14 -4.02 -28.94 5.20
CA ALA B 14 -4.83 -30.14 5.42
C ALA B 14 -3.86 -31.32 5.43
N LEU B 15 -4.11 -32.31 6.29
CA LEU B 15 -3.22 -33.46 6.35
C LEU B 15 -3.54 -34.57 5.37
N HIS B 16 -2.61 -35.51 5.23
CA HIS B 16 -2.74 -36.62 4.30
C HIS B 16 -2.58 -37.98 4.98
N LEU B 17 -2.72 -39.05 4.20
CA LEU B 17 -2.59 -40.42 4.70
C LEU B 17 -1.31 -40.61 5.50
N GLY B 18 -0.31 -39.78 5.24
CA GLY B 18 0.93 -39.91 5.98
C GLY B 18 0.62 -39.76 7.46
N HIS B 19 -0.10 -38.69 7.78
CA HIS B 19 -0.50 -38.37 9.14
C HIS B 19 -1.46 -39.41 9.70
N LEU B 20 -2.38 -39.90 8.87
CA LEU B 20 -3.34 -40.90 9.28
C LEU B 20 -2.58 -42.21 9.50
N ALA B 21 -1.85 -42.63 8.48
CA ALA B 21 -1.08 -43.87 8.50
C ALA B 21 -0.33 -44.06 9.81
N GLY B 22 0.30 -42.99 10.28
CA GLY B 22 1.07 -43.11 11.52
C GLY B 22 0.42 -42.59 12.79
N SER B 23 0.35 -41.27 12.91
CA SER B 23 -0.18 -40.64 14.13
C SER B 23 -1.69 -40.57 14.37
N LEU B 24 -2.45 -40.16 13.36
CA LEU B 24 -3.88 -40.00 13.52
C LEU B 24 -4.71 -41.17 14.07
N GLN B 25 -4.45 -42.39 13.62
CA GLN B 25 -5.23 -43.51 14.13
C GLN B 25 -4.78 -43.95 15.52
N ASN B 26 -3.54 -43.63 15.88
CA ASN B 26 -3.05 -43.97 17.22
C ASN B 26 -3.77 -43.05 18.22
N ARG B 27 -4.04 -41.82 17.79
CA ARG B 27 -4.71 -40.85 18.64
C ARG B 27 -6.17 -41.27 18.79
N VAL B 28 -6.71 -41.89 17.76
CA VAL B 28 -8.08 -42.38 17.80
C VAL B 28 -8.09 -43.51 18.81
N ARG B 29 -6.93 -44.13 18.99
CA ARG B 29 -6.76 -45.23 19.93
C ARG B 29 -6.45 -44.66 21.31
N LEU B 30 -5.52 -43.72 21.37
CA LEU B 30 -5.15 -43.11 22.64
C LEU B 30 -6.33 -42.31 23.19
N GLN B 31 -7.20 -41.90 22.28
CA GLN B 31 -8.36 -41.09 22.63
C GLN B 31 -9.26 -41.69 23.70
N ASP B 32 -9.40 -43.02 23.70
CA ASP B 32 -10.26 -43.66 24.68
C ASP B 32 -9.54 -44.34 25.83
N GLU B 33 -8.24 -44.51 25.71
CA GLU B 33 -7.46 -45.16 26.77
C GLU B 33 -6.86 -44.12 27.70
N ALA B 34 -6.91 -42.85 27.29
CA ALA B 34 -6.34 -41.80 28.12
C ALA B 34 -6.99 -40.45 27.84
N GLU B 35 -6.44 -39.42 28.46
CA GLU B 35 -6.91 -38.06 28.27
C GLU B 35 -6.05 -37.51 27.14
N LEU B 36 -6.62 -37.42 25.94
CA LEU B 36 -5.89 -36.92 24.78
C LEU B 36 -5.93 -35.41 24.68
N PHE B 37 -4.76 -34.81 24.48
CA PHE B 37 -4.61 -33.38 24.32
C PHE B 37 -3.87 -33.22 23.00
N VAL B 38 -4.50 -32.60 22.01
CA VAL B 38 -3.87 -32.39 20.73
C VAL B 38 -3.67 -30.90 20.49
N LEU B 39 -2.42 -30.50 20.33
CA LEU B 39 -2.10 -29.11 20.15
C LEU B 39 -1.95 -28.70 18.70
N LEU B 40 -2.59 -27.59 18.33
CA LEU B 40 -2.46 -27.04 17.00
C LEU B 40 -1.33 -26.06 17.21
N ALA B 41 -0.11 -26.55 17.04
CA ALA B 41 1.10 -25.76 17.23
C ALA B 41 1.15 -24.51 16.38
N ASP B 42 0.28 -23.60 16.74
CA ASP B 42 0.15 -22.31 16.10
C ASP B 42 1.47 -21.53 16.07
N VAL B 43 2.02 -21.25 17.25
CA VAL B 43 3.26 -20.49 17.30
C VAL B 43 4.46 -21.30 16.83
N GLN B 44 4.47 -22.60 17.09
CA GLN B 44 5.60 -23.41 16.65
C GLN B 44 5.71 -23.37 15.13
N ALA B 45 4.57 -23.31 14.44
CA ALA B 45 4.55 -23.25 12.98
C ALA B 45 5.14 -21.94 12.47
N LEU B 46 4.92 -20.86 13.22
CA LEU B 46 5.44 -19.55 12.84
C LEU B 46 6.95 -19.43 12.91
N THR B 47 7.60 -20.35 13.62
CA THR B 47 9.06 -20.30 13.71
C THR B 47 9.64 -20.59 12.33
N ASP B 48 8.82 -21.22 11.50
CA ASP B 48 9.22 -21.60 10.15
C ASP B 48 8.43 -20.83 9.09
N HIS B 49 7.20 -20.46 9.42
CA HIS B 49 6.35 -19.74 8.48
C HIS B 49 5.99 -18.34 8.98
N PHE B 50 6.91 -17.71 9.68
CA PHE B 50 6.67 -16.38 10.21
C PHE B 50 6.37 -15.36 9.12
N ASP B 51 6.81 -15.66 7.90
CA ASP B 51 6.62 -14.77 6.76
C ASP B 51 5.34 -15.08 5.97
N ARG B 52 4.60 -16.09 6.45
CA ARG B 52 3.35 -16.48 5.79
C ARG B 52 2.27 -16.65 6.85
N PRO B 53 1.94 -15.57 7.57
CA PRO B 53 0.94 -15.52 8.62
C PRO B 53 -0.45 -16.07 8.33
N GLU B 54 -1.19 -15.43 7.42
CA GLU B 54 -2.54 -15.90 7.14
C GLU B 54 -2.68 -17.35 6.66
N GLN B 55 -1.56 -18.02 6.38
CA GLN B 55 -1.64 -19.43 5.96
C GLN B 55 -1.84 -20.28 7.21
N VAL B 56 -1.06 -19.99 8.24
CA VAL B 56 -1.17 -20.73 9.49
C VAL B 56 -2.57 -20.54 10.07
N ARG B 57 -3.04 -19.29 10.03
CA ARG B 57 -4.37 -18.97 10.55
C ARG B 57 -5.48 -19.84 10.00
N GLU B 58 -5.59 -19.93 8.68
CA GLU B 58 -6.64 -20.73 8.07
C GLU B 58 -6.41 -22.22 8.21
N ASN B 59 -5.16 -22.62 8.35
CA ASN B 59 -4.86 -24.03 8.52
C ASN B 59 -5.17 -24.49 9.93
N VAL B 60 -5.45 -23.54 10.82
CA VAL B 60 -5.78 -23.89 12.19
C VAL B 60 -7.06 -24.70 12.15
N LEU B 61 -8.12 -24.10 11.63
CA LEU B 61 -9.42 -24.75 11.52
C LEU B 61 -9.41 -25.94 10.56
N ALA B 62 -8.57 -25.85 9.53
CA ALA B 62 -8.47 -26.92 8.55
C ALA B 62 -7.92 -28.20 9.17
N VAL B 63 -6.83 -28.10 9.93
CA VAL B 63 -6.25 -29.28 10.57
C VAL B 63 -7.23 -29.86 11.58
N ALA B 64 -8.00 -28.99 12.23
CA ALA B 64 -8.98 -29.45 13.21
C ALA B 64 -9.99 -30.35 12.50
N LEU B 65 -10.45 -29.89 11.33
CA LEU B 65 -11.41 -30.64 10.53
C LEU B 65 -10.85 -32.03 10.26
N ASP B 66 -9.57 -32.10 9.89
CA ASP B 66 -8.94 -33.38 9.62
C ASP B 66 -8.96 -34.27 10.86
N TYR B 67 -8.91 -33.65 12.03
CA TYR B 67 -8.93 -34.37 13.30
C TYR B 67 -10.29 -35.03 13.48
N LEU B 68 -11.35 -34.23 13.31
CA LEU B 68 -12.70 -34.71 13.47
C LEU B 68 -13.09 -35.74 12.41
N ALA B 69 -12.55 -35.59 11.22
CA ALA B 69 -12.86 -36.50 10.12
C ALA B 69 -12.21 -37.85 10.32
N ALA B 70 -11.12 -37.87 11.07
CA ALA B 70 -10.39 -39.10 11.31
C ALA B 70 -10.98 -39.92 12.44
N GLY B 71 -11.76 -39.28 13.31
CA GLY B 71 -12.35 -40.02 14.40
C GLY B 71 -12.24 -39.38 15.78
N LEU B 72 -11.40 -38.36 15.93
CA LEU B 72 -11.29 -37.70 17.22
C LEU B 72 -12.63 -37.11 17.58
N ASP B 73 -13.13 -37.45 18.77
CA ASP B 73 -14.43 -36.96 19.22
C ASP B 73 -14.25 -35.74 20.11
N PRO B 74 -14.99 -34.66 19.81
CA PRO B 74 -14.89 -33.46 20.61
C PRO B 74 -15.14 -33.78 22.08
N GLN B 75 -15.81 -34.92 22.31
CA GLN B 75 -16.15 -35.36 23.67
C GLN B 75 -15.03 -36.11 24.38
N LYS B 76 -14.00 -36.52 23.65
CA LYS B 76 -12.90 -37.26 24.25
C LYS B 76 -11.54 -36.60 24.00
N THR B 77 -11.50 -35.63 23.10
CA THR B 77 -10.25 -34.96 22.78
C THR B 77 -10.29 -33.47 23.14
N THR B 78 -9.16 -32.96 23.63
CA THR B 78 -9.05 -31.55 23.99
C THR B 78 -8.17 -30.85 22.97
N CYS B 79 -8.81 -30.26 21.97
CA CYS B 79 -8.10 -29.55 20.91
C CYS B 79 -7.71 -28.17 21.39
N VAL B 80 -6.42 -27.84 21.30
CA VAL B 80 -5.91 -26.56 21.78
C VAL B 80 -5.19 -25.69 20.74
N VAL B 81 -5.58 -24.41 20.66
CA VAL B 81 -4.90 -23.50 19.74
C VAL B 81 -3.75 -22.86 20.54
N GLN B 82 -2.55 -23.34 20.28
CA GLN B 82 -1.35 -22.88 20.96
C GLN B 82 -1.25 -21.37 21.23
N SER B 83 -1.46 -20.59 20.18
CA SER B 83 -1.36 -19.14 20.23
C SER B 83 -2.34 -18.52 21.20
N ALA B 84 -3.42 -19.23 21.48
CA ALA B 84 -4.45 -18.74 22.37
C ALA B 84 -4.13 -19.03 23.86
N VAL B 85 -2.97 -19.63 24.11
CA VAL B 85 -2.55 -19.89 25.48
C VAL B 85 -1.13 -19.32 25.65
N PRO B 86 -1.06 -18.00 25.89
CA PRO B 86 0.21 -17.28 26.06
C PRO B 86 1.06 -17.85 27.20
N GLU B 87 0.43 -18.50 28.17
CA GLU B 87 1.16 -19.11 29.30
C GLU B 87 2.27 -20.02 28.74
N LEU B 88 2.04 -20.59 27.56
CA LEU B 88 3.03 -21.46 26.92
C LEU B 88 4.29 -20.67 26.55
N ALA B 89 4.14 -19.41 26.17
CA ALA B 89 5.30 -18.59 25.83
C ALA B 89 6.00 -18.15 27.11
N GLU B 90 5.22 -17.81 28.13
CA GLU B 90 5.82 -17.40 29.39
C GLU B 90 6.71 -18.52 29.91
N LEU B 91 6.22 -19.76 29.83
CA LEU B 91 7.00 -20.89 30.31
C LEU B 91 8.23 -21.18 29.45
N THR B 92 8.13 -20.99 28.13
CA THR B 92 9.30 -21.28 27.28
C THR B 92 10.45 -20.34 27.56
N VAL B 93 10.17 -19.10 27.94
CA VAL B 93 11.24 -18.16 28.24
C VAL B 93 11.97 -18.61 29.51
N TYR B 94 11.23 -19.19 30.46
CA TYR B 94 11.83 -19.68 31.71
C TYR B 94 12.67 -20.92 31.40
N PHE B 95 12.18 -21.78 30.51
CA PHE B 95 12.90 -23.00 30.16
C PHE B 95 14.17 -22.70 29.37
N LEU B 96 14.21 -21.54 28.71
CA LEU B 96 15.37 -21.15 27.92
C LEU B 96 16.64 -21.05 28.77
N ASN B 97 16.45 -20.76 30.07
CA ASN B 97 17.58 -20.65 31.00
C ASN B 97 18.03 -22.04 31.43
N LEU B 98 17.22 -23.05 31.12
CA LEU B 98 17.53 -24.41 31.56
C LEU B 98 18.24 -25.31 30.54
N VAL B 99 18.59 -24.76 29.40
CA VAL B 99 19.30 -25.53 28.39
C VAL B 99 20.35 -24.63 27.75
N THR B 100 21.28 -25.23 27.02
CA THR B 100 22.34 -24.46 26.38
C THR B 100 22.32 -24.51 24.85
N VAL B 101 22.81 -23.43 24.24
CA VAL B 101 22.88 -23.33 22.78
C VAL B 101 23.73 -24.50 22.27
N SER B 102 24.47 -25.12 23.18
CA SER B 102 25.32 -26.25 22.86
C SER B 102 24.46 -27.50 22.74
N HIS B 103 23.81 -27.86 23.84
CA HIS B 103 22.95 -29.03 23.85
C HIS B 103 21.89 -28.81 22.76
N LEU B 104 21.68 -27.55 22.44
CA LEU B 104 20.72 -27.15 21.41
C LEU B 104 21.32 -27.33 20.03
N ARG B 105 22.44 -26.65 19.80
CA ARG B 105 23.14 -26.69 18.52
C ARG B 105 23.51 -28.13 18.19
N GLN B 106 23.40 -29.00 19.20
CA GLN B 106 23.75 -30.40 19.06
C GLN B 106 22.55 -31.33 18.81
N ASN B 107 21.35 -30.77 18.76
CA ASN B 107 20.17 -31.59 18.52
C ASN B 107 20.30 -32.17 17.11
N PRO B 108 20.17 -33.50 16.98
CA PRO B 108 20.29 -34.19 15.68
C PRO B 108 19.21 -33.85 14.66
N THR B 109 17.95 -33.83 15.11
CA THR B 109 16.83 -33.55 14.21
C THR B 109 16.79 -32.10 13.73
N VAL B 110 16.99 -31.15 14.63
CA VAL B 110 16.94 -29.74 14.26
C VAL B 110 18.11 -29.36 13.35
N LYS B 111 19.27 -29.98 13.59
CA LYS B 111 20.45 -29.70 12.79
C LYS B 111 20.22 -30.15 11.36
N ALA B 112 19.56 -31.31 11.21
CA ALA B 112 19.27 -31.87 9.90
C ALA B 112 18.19 -31.08 9.18
N GLU B 113 17.26 -30.53 9.95
CA GLU B 113 16.18 -29.73 9.38
C GLU B 113 16.71 -28.39 8.91
N ILE B 114 17.73 -27.88 9.59
CA ILE B 114 18.33 -26.60 9.26
C ILE B 114 19.06 -26.63 7.92
N ALA B 115 19.87 -27.68 7.71
CA ALA B 115 20.62 -27.83 6.47
C ALA B 115 19.69 -28.18 5.32
N GLN B 116 18.54 -28.75 5.65
CA GLN B 116 17.55 -29.13 4.65
C GLN B 116 16.74 -27.92 4.19
N LYS B 117 16.98 -26.78 4.82
CA LYS B 117 16.29 -25.55 4.46
C LYS B 117 17.33 -24.50 4.13
N GLY B 118 18.60 -24.90 4.24
CA GLY B 118 19.69 -24.02 3.92
C GLY B 118 19.78 -22.76 4.75
N TYR B 119 19.64 -22.89 6.07
CA TYR B 119 19.72 -21.74 6.95
C TYR B 119 21.18 -21.40 7.20
N GLY B 120 22.05 -22.38 7.02
CA GLY B 120 23.47 -22.16 7.29
C GLY B 120 23.61 -21.83 8.76
N GLU B 121 24.37 -20.78 9.07
CA GLU B 121 24.54 -20.40 10.46
C GLU B 121 23.49 -19.36 10.82
N ARG B 122 22.82 -18.82 9.81
CA ARG B 122 21.77 -17.83 10.02
C ARG B 122 20.43 -18.55 10.10
N VAL B 123 20.20 -19.20 11.24
CA VAL B 123 18.98 -19.94 11.47
C VAL B 123 18.01 -19.12 12.31
N PRO B 124 16.71 -19.18 12.00
CA PRO B 124 15.75 -18.42 12.80
C PRO B 124 15.84 -18.83 14.26
N ALA B 125 16.15 -17.87 15.12
CA ALA B 125 16.27 -18.13 16.56
C ALA B 125 15.06 -18.92 17.06
N GLY B 126 13.86 -18.41 16.75
CA GLY B 126 12.65 -19.09 17.16
C GLY B 126 12.65 -20.54 16.75
N PHE B 127 13.20 -20.82 15.57
CA PHE B 127 13.27 -22.19 15.08
C PHE B 127 14.36 -22.97 15.81
N PHE B 128 15.51 -22.33 16.01
CA PHE B 128 16.63 -22.98 16.69
C PHE B 128 16.23 -23.51 18.06
N VAL B 129 15.38 -22.75 18.73
CA VAL B 129 14.93 -23.08 20.07
C VAL B 129 13.58 -23.81 20.11
N TYR B 130 13.04 -24.20 18.96
CA TYR B 130 11.73 -24.83 18.99
C TYR B 130 11.59 -26.06 19.89
N PRO B 131 12.70 -26.78 20.15
CA PRO B 131 12.56 -27.95 21.02
C PRO B 131 12.17 -27.54 22.45
N VAL B 132 12.62 -26.37 22.90
CA VAL B 132 12.29 -25.94 24.24
C VAL B 132 10.89 -25.34 24.37
N SER B 133 10.28 -24.90 23.27
CA SER B 133 8.92 -24.38 23.36
C SER B 133 8.01 -25.60 23.39
N GLN B 134 8.47 -26.71 22.82
CA GLN B 134 7.70 -27.95 22.84
C GLN B 134 7.70 -28.51 24.25
N ALA B 135 8.88 -28.48 24.88
CA ALA B 135 9.00 -28.98 26.25
C ALA B 135 7.98 -28.20 27.09
N ALA B 136 7.90 -26.90 26.82
CA ALA B 136 6.98 -26.00 27.51
C ALA B 136 5.53 -26.40 27.32
N ASP B 137 5.17 -26.79 26.11
CA ASP B 137 3.79 -27.23 25.84
C ASP B 137 3.53 -28.48 26.68
N ILE B 138 4.48 -29.39 26.66
CA ILE B 138 4.35 -30.65 27.40
C ILE B 138 4.23 -30.42 28.91
N ALA B 139 5.13 -29.61 29.45
CA ALA B 139 5.14 -29.32 30.88
C ALA B 139 3.89 -28.57 31.31
N ALA B 140 3.58 -27.48 30.63
CA ALA B 140 2.41 -26.69 30.99
C ALA B 140 1.12 -27.49 30.90
N PHE B 141 1.07 -28.47 30.02
CA PHE B 141 -0.15 -29.26 29.86
C PHE B 141 -0.25 -30.46 30.79
N GLY B 142 0.80 -30.67 31.60
CA GLY B 142 0.79 -31.77 32.53
C GLY B 142 0.78 -33.13 31.87
N ALA B 143 1.40 -33.23 30.70
CA ALA B 143 1.47 -34.47 29.94
C ALA B 143 2.51 -35.40 30.53
N THR B 144 2.16 -36.68 30.63
CA THR B 144 3.05 -37.71 31.17
C THR B 144 3.41 -38.74 30.10
N LEU B 145 2.59 -38.80 29.05
CA LEU B 145 2.84 -39.73 27.95
C LEU B 145 2.78 -38.99 26.62
N VAL B 146 3.86 -39.07 25.87
CA VAL B 146 3.92 -38.37 24.59
C VAL B 146 4.30 -39.25 23.40
N PRO B 147 3.33 -39.53 22.51
CA PRO B 147 3.64 -40.37 21.35
C PRO B 147 4.86 -39.81 20.66
N VAL B 148 5.73 -40.68 20.18
CA VAL B 148 6.97 -40.26 19.55
C VAL B 148 7.47 -41.17 18.42
N GLY B 149 8.37 -40.62 17.61
CA GLY B 149 8.96 -41.37 16.51
C GLY B 149 10.46 -41.28 16.75
N ASP B 150 11.27 -41.96 15.93
CA ASP B 150 12.72 -41.95 16.10
C ASP B 150 13.36 -40.56 16.11
N ASP B 151 12.90 -39.68 15.23
CA ASP B 151 13.45 -38.32 15.13
C ASP B 151 12.90 -37.34 16.17
N GLN B 152 12.11 -37.87 17.10
CA GLN B 152 11.52 -37.04 18.16
C GLN B 152 12.27 -37.25 19.48
N LEU B 153 12.71 -38.49 19.71
CA LEU B 153 13.44 -38.82 20.93
C LEU B 153 14.40 -37.73 21.37
N PRO B 154 15.17 -37.16 20.43
CA PRO B 154 16.12 -36.09 20.79
C PRO B 154 15.44 -34.86 21.39
N MET B 155 14.15 -34.71 21.10
CA MET B 155 13.40 -33.57 21.60
C MET B 155 12.64 -33.95 22.86
N LEU B 156 11.99 -35.11 22.84
CA LEU B 156 11.22 -35.58 23.99
C LEU B 156 12.17 -36.01 25.11
N GLU B 157 13.47 -36.02 24.81
CA GLU B 157 14.46 -36.39 25.80
C GLU B 157 14.94 -35.09 26.44
N GLN B 158 14.98 -34.03 25.64
CA GLN B 158 15.40 -32.73 26.13
C GLN B 158 14.29 -32.13 26.98
N THR B 159 13.07 -32.61 26.78
CA THR B 159 11.94 -32.15 27.56
C THR B 159 12.13 -32.71 28.98
N ARG B 160 12.55 -33.97 29.08
CA ARG B 160 12.79 -34.61 30.38
C ARG B 160 14.01 -33.94 31.01
N GLU B 161 15.00 -33.60 30.20
CA GLU B 161 16.21 -32.97 30.68
C GLU B 161 15.89 -31.62 31.33
N ILE B 162 14.99 -30.87 30.68
CA ILE B 162 14.59 -29.56 31.16
C ILE B 162 13.67 -29.66 32.36
N VAL B 163 12.75 -30.63 32.32
CA VAL B 163 11.83 -30.84 33.43
C VAL B 163 12.61 -31.19 34.70
N ARG B 164 13.57 -32.10 34.55
CA ARG B 164 14.40 -32.53 35.69
C ARG B 164 15.18 -31.35 36.24
N ARG B 165 15.84 -30.62 35.35
CA ARG B 165 16.63 -29.45 35.71
C ARG B 165 15.77 -28.44 36.48
N PHE B 166 14.55 -28.20 35.99
CA PHE B 166 13.64 -27.26 36.64
C PHE B 166 13.28 -27.75 38.05
N ASN B 167 12.99 -29.03 38.17
CA ASN B 167 12.62 -29.59 39.47
C ASN B 167 13.80 -29.62 40.42
N ALA B 168 15.00 -29.75 39.89
CA ALA B 168 16.19 -29.77 40.74
C ALA B 168 16.54 -28.35 41.14
N LEU B 169 16.24 -27.41 40.26
CA LEU B 169 16.55 -26.01 40.51
C LEU B 169 15.49 -25.34 41.39
N TYR B 170 14.24 -25.69 41.17
CA TYR B 170 13.11 -25.13 41.89
C TYR B 170 12.24 -26.27 42.42
N ALA B 171 11.21 -25.94 43.20
CA ALA B 171 10.34 -26.97 43.76
C ALA B 171 9.94 -27.95 42.66
N PRO B 172 9.91 -29.26 42.96
CA PRO B 172 9.56 -30.30 42.00
C PRO B 172 8.09 -30.28 41.64
N VAL B 173 7.66 -29.27 40.91
CA VAL B 173 6.26 -29.14 40.54
C VAL B 173 5.88 -29.69 39.18
N LEU B 174 6.87 -30.00 38.35
CA LEU B 174 6.60 -30.53 37.01
C LEU B 174 6.76 -32.04 36.92
N ALA B 175 5.98 -32.63 36.02
CA ALA B 175 6.01 -34.07 35.79
C ALA B 175 6.95 -34.44 34.65
N GLU B 176 7.65 -35.55 34.81
CA GLU B 176 8.55 -36.04 33.78
C GLU B 176 7.68 -36.84 32.80
N PRO B 177 7.72 -36.50 31.51
CA PRO B 177 6.90 -37.25 30.56
C PRO B 177 7.61 -38.49 30.05
N GLN B 178 6.85 -39.47 29.60
CA GLN B 178 7.39 -40.71 29.06
C GLN B 178 7.11 -40.78 27.57
N ALA B 179 7.86 -41.62 26.86
CA ALA B 179 7.68 -41.76 25.42
C ALA B 179 6.83 -42.95 25.00
N GLN B 180 6.27 -42.85 23.81
CA GLN B 180 5.46 -43.92 23.21
C GLN B 180 6.04 -43.98 21.80
N LEU B 181 7.03 -44.83 21.63
CA LEU B 181 7.74 -44.97 20.36
C LEU B 181 7.03 -45.74 19.25
N SER B 182 7.41 -45.39 18.02
CA SER B 182 6.93 -46.02 16.79
C SER B 182 8.21 -46.18 16.00
N ARG B 183 8.77 -47.39 16.00
CA ARG B 183 10.02 -47.65 15.32
C ARG B 183 9.99 -47.49 13.79
N VAL B 184 9.00 -48.07 13.13
CA VAL B 184 8.94 -47.97 11.67
C VAL B 184 7.58 -47.43 11.20
N PRO B 185 7.34 -46.12 11.45
CA PRO B 185 6.07 -45.49 11.03
C PRO B 185 6.16 -44.81 9.67
N ARG B 186 7.28 -44.15 9.41
CA ARG B 186 7.51 -43.43 8.17
C ARG B 186 6.76 -44.02 6.98
N LEU B 187 5.64 -43.40 6.63
CA LEU B 187 4.84 -43.85 5.51
C LEU B 187 5.56 -43.43 4.24
N PRO B 188 5.54 -44.30 3.21
CA PRO B 188 6.19 -44.03 1.93
C PRO B 188 5.62 -42.84 1.16
N GLY B 189 5.64 -42.95 -0.16
CA GLY B 189 5.12 -41.92 -1.02
C GLY B 189 4.62 -42.59 -2.28
N LEU B 190 3.49 -42.13 -2.81
CA LEU B 190 2.91 -42.73 -4.01
C LEU B 190 3.98 -43.15 -5.02
N ASP B 191 4.92 -42.25 -5.31
CA ASP B 191 5.96 -42.53 -6.27
C ASP B 191 7.33 -42.77 -5.64
N GLY B 192 7.36 -43.60 -4.60
CA GLY B 192 8.61 -43.91 -3.93
C GLY B 192 9.27 -42.72 -3.26
N GLN B 193 9.27 -41.57 -3.93
CA GLN B 193 9.87 -40.36 -3.40
C GLN B 193 9.72 -40.32 -1.88
N ALA B 194 10.79 -39.93 -1.21
CA ALA B 194 10.83 -39.85 0.25
C ALA B 194 9.50 -39.58 0.95
N LYS B 195 8.63 -38.77 0.35
CA LYS B 195 7.36 -38.46 1.01
C LYS B 195 6.05 -38.42 0.22
N MET B 196 5.13 -37.68 0.82
CA MET B 196 3.77 -37.47 0.35
C MET B 196 3.53 -35.98 0.58
N SER B 197 4.10 -35.14 -0.26
CA SER B 197 3.95 -33.69 -0.09
C SER B 197 2.88 -33.02 -0.95
N LYS B 198 2.03 -32.25 -0.28
CA LYS B 198 0.94 -31.54 -0.94
C LYS B 198 1.40 -30.79 -2.18
N SER B 199 2.69 -30.48 -2.21
CA SER B 199 3.27 -29.74 -3.33
C SER B 199 3.76 -30.60 -4.50
N LEU B 200 4.02 -31.88 -4.23
CA LEU B 200 4.51 -32.80 -5.27
C LEU B 200 3.44 -33.61 -5.97
N GLY B 201 2.17 -33.27 -5.75
CA GLY B 201 1.09 -34.02 -6.37
C GLY B 201 1.30 -35.50 -6.10
N ASN B 202 2.25 -35.77 -5.21
CA ASN B 202 2.61 -37.13 -4.81
C ASN B 202 2.05 -37.38 -3.42
N ALA B 203 0.81 -36.95 -3.20
CA ALA B 203 0.16 -37.12 -1.92
C ALA B 203 -1.34 -37.31 -2.09
N ILE B 204 -1.94 -37.97 -1.12
CA ILE B 204 -3.36 -38.19 -1.11
C ILE B 204 -3.86 -37.83 0.27
N ALA B 205 -4.59 -36.71 0.34
CA ALA B 205 -5.14 -36.22 1.59
C ALA B 205 -6.47 -36.89 1.88
N LEU B 206 -6.88 -36.80 3.14
CA LEU B 206 -8.13 -37.41 3.59
C LEU B 206 -9.36 -36.70 3.04
N GLY B 207 -9.15 -35.81 2.07
CA GLY B 207 -10.26 -35.09 1.48
C GLY B 207 -10.56 -35.44 0.02
N ASP B 208 -9.74 -36.31 -0.56
CA ASP B 208 -9.92 -36.71 -1.97
C ASP B 208 -11.10 -37.64 -2.22
N SER B 209 -11.66 -37.54 -3.42
CA SER B 209 -12.80 -38.35 -3.82
C SER B 209 -12.39 -39.82 -4.04
N ALA B 210 -13.33 -40.73 -3.79
CA ALA B 210 -13.09 -42.15 -3.96
C ALA B 210 -12.49 -42.40 -5.32
N ASP B 211 -13.19 -41.96 -6.36
CA ASP B 211 -12.73 -42.14 -7.72
C ASP B 211 -11.30 -41.61 -7.84
N GLU B 212 -11.11 -40.36 -7.44
CA GLU B 212 -9.79 -39.73 -7.48
C GLU B 212 -8.74 -40.50 -6.71
N VAL B 213 -9.17 -41.35 -5.78
CA VAL B 213 -8.25 -42.15 -4.99
C VAL B 213 -7.96 -43.44 -5.76
N ALA B 214 -9.01 -44.06 -6.27
CA ALA B 214 -8.87 -45.31 -7.02
C ALA B 214 -7.85 -45.14 -8.13
N ARG B 215 -8.04 -44.11 -8.95
CA ARG B 215 -7.11 -43.83 -10.04
C ARG B 215 -5.87 -43.13 -9.50
N LYS B 216 -5.80 -43.00 -8.18
CA LYS B 216 -4.67 -42.38 -7.52
C LYS B 216 -3.69 -43.50 -7.22
N VAL B 217 -4.24 -44.65 -6.86
CA VAL B 217 -3.46 -45.83 -6.56
C VAL B 217 -3.01 -46.48 -7.86
N MET B 218 -3.96 -46.77 -8.74
CA MET B 218 -3.68 -47.40 -10.04
C MET B 218 -2.37 -46.90 -10.65
N GLY B 219 -2.15 -45.59 -10.60
CA GLY B 219 -0.93 -45.02 -11.16
C GLY B 219 0.24 -45.00 -10.20
N MET B 220 0.20 -45.84 -9.17
CA MET B 220 1.29 -45.88 -8.20
C MET B 220 2.50 -46.65 -8.71
N TYR B 221 3.64 -46.42 -8.07
CA TYR B 221 4.91 -47.02 -8.44
C TYR B 221 5.24 -48.39 -7.81
N THR B 222 4.84 -49.48 -8.47
CA THR B 222 5.14 -50.81 -7.96
C THR B 222 6.63 -51.08 -8.07
N ASP B 223 7.04 -51.71 -9.16
CA ASP B 223 8.45 -52.02 -9.40
C ASP B 223 8.65 -52.37 -10.87
N PRO B 224 9.76 -51.90 -11.47
CA PRO B 224 10.06 -52.17 -12.88
C PRO B 224 10.15 -53.65 -13.23
N GLY B 225 10.77 -54.43 -12.35
CA GLY B 225 10.92 -55.85 -12.59
C GLY B 225 9.66 -56.57 -13.03
N HIS B 226 8.53 -56.18 -12.45
CA HIS B 226 7.25 -56.81 -12.79
C HIS B 226 6.69 -56.26 -14.09
N LEU B 227 6.65 -57.11 -15.11
CA LEU B 227 6.13 -56.73 -16.43
C LEU B 227 4.70 -57.22 -16.62
N ARG B 228 4.44 -58.46 -16.21
CA ARG B 228 3.11 -59.04 -16.32
C ARG B 228 2.74 -59.77 -15.04
N ALA B 229 1.44 -59.95 -14.82
CA ALA B 229 0.92 -60.60 -13.62
C ALA B 229 1.50 -61.99 -13.32
N SER B 230 2.36 -62.49 -14.20
CA SER B 230 2.94 -63.82 -14.00
C SER B 230 4.25 -63.85 -13.22
N ASP B 231 5.16 -62.92 -13.54
CA ASP B 231 6.45 -62.86 -12.86
C ASP B 231 6.32 -62.69 -11.34
N PRO B 232 7.37 -63.08 -10.60
CA PRO B 232 7.36 -62.93 -9.14
C PRO B 232 7.64 -61.49 -8.76
N GLY B 233 6.84 -60.95 -7.84
CA GLY B 233 7.03 -59.58 -7.43
C GLY B 233 7.51 -59.49 -5.99
N ARG B 234 8.32 -58.48 -5.69
CA ARG B 234 8.84 -58.33 -4.33
C ARG B 234 8.23 -57.16 -3.58
N VAL B 235 7.77 -57.45 -2.36
CA VAL B 235 7.16 -56.46 -1.49
C VAL B 235 8.09 -55.29 -1.23
N GLU B 236 9.39 -55.57 -1.22
CA GLU B 236 10.42 -54.56 -0.98
C GLU B 236 10.28 -53.31 -1.86
N GLY B 237 10.17 -52.16 -1.21
CA GLY B 237 10.05 -50.90 -1.93
C GLY B 237 8.66 -50.59 -2.45
N ASN B 238 7.99 -51.61 -2.98
CA ASN B 238 6.64 -51.45 -3.53
C ASN B 238 5.74 -50.69 -2.56
N PRO B 239 5.43 -49.42 -2.87
CA PRO B 239 4.57 -48.58 -2.04
C PRO B 239 3.17 -49.16 -1.88
N VAL B 240 2.75 -49.96 -2.85
CA VAL B 240 1.43 -50.58 -2.79
C VAL B 240 1.36 -51.53 -1.60
N PHE B 241 2.49 -52.13 -1.27
CA PHE B 241 2.59 -53.07 -0.15
C PHE B 241 2.75 -52.34 1.18
N THR B 242 3.69 -51.39 1.23
CA THR B 242 3.90 -50.62 2.45
C THR B 242 2.61 -49.84 2.74
N PHE B 243 1.78 -49.70 1.72
CA PHE B 243 0.51 -49.01 1.84
C PHE B 243 -0.54 -50.00 2.33
N LEU B 244 -0.52 -51.20 1.74
CA LEU B 244 -1.46 -52.27 2.04
C LEU B 244 -1.41 -52.79 3.48
N ASP B 245 -0.21 -52.97 4.00
CA ASP B 245 -0.03 -53.48 5.36
C ASP B 245 -0.35 -52.44 6.42
N ALA B 246 -0.42 -51.17 6.00
CA ALA B 246 -0.69 -50.08 6.92
C ALA B 246 -2.16 -49.72 7.08
N PHE B 247 -2.95 -49.88 6.02
CA PHE B 247 -4.36 -49.52 6.10
C PHE B 247 -5.36 -50.66 6.20
N ASP B 248 -5.00 -51.86 5.74
CA ASP B 248 -5.92 -52.99 5.83
C ASP B 248 -5.90 -53.48 7.30
N PRO B 249 -6.91 -54.24 7.72
CA PRO B 249 -6.96 -54.73 9.10
C PRO B 249 -6.01 -55.88 9.45
N ASP B 250 -6.24 -57.05 8.86
CA ASP B 250 -5.42 -58.23 9.14
C ASP B 250 -4.14 -58.35 8.31
N PRO B 251 -2.98 -58.50 8.96
CA PRO B 251 -1.70 -58.63 8.27
C PRO B 251 -1.58 -60.00 7.60
N ALA B 252 -2.49 -60.90 7.96
CA ALA B 252 -2.48 -62.26 7.41
C ALA B 252 -2.89 -62.24 5.95
N ARG B 253 -3.80 -61.33 5.59
CA ARG B 253 -4.26 -61.22 4.21
C ARG B 253 -3.19 -60.48 3.42
N VAL B 254 -2.47 -59.60 4.10
CA VAL B 254 -1.40 -58.82 3.46
C VAL B 254 -0.25 -59.76 3.10
N GLN B 255 0.11 -60.63 4.04
CA GLN B 255 1.19 -61.58 3.83
C GLN B 255 0.74 -62.63 2.83
N ALA B 256 -0.55 -62.62 2.50
CA ALA B 256 -1.12 -63.56 1.54
C ALA B 256 -0.80 -63.08 0.14
N LEU B 257 -1.10 -61.80 -0.12
CA LEU B 257 -0.84 -61.20 -1.43
C LEU B 257 0.66 -61.10 -1.67
N LYS B 258 1.42 -60.93 -0.59
CA LYS B 258 2.87 -60.83 -0.69
C LYS B 258 3.46 -62.15 -1.20
N ASP B 259 2.97 -63.26 -0.66
CA ASP B 259 3.43 -64.59 -1.05
C ASP B 259 3.02 -64.88 -2.48
N GLN B 260 1.80 -64.45 -2.83
CA GLN B 260 1.22 -64.64 -4.16
C GLN B 260 1.81 -63.70 -5.20
N TYR B 261 2.34 -62.58 -4.72
CA TYR B 261 2.94 -61.57 -5.58
C TYR B 261 4.34 -62.07 -5.95
N ARG B 262 5.10 -62.40 -4.91
CA ARG B 262 6.47 -62.88 -5.06
C ARG B 262 6.47 -64.24 -5.75
N ALA B 263 5.29 -64.69 -6.14
CA ALA B 263 5.13 -65.98 -6.81
C ALA B 263 4.84 -65.76 -8.29
N GLY B 264 3.57 -65.61 -8.63
CA GLY B 264 3.18 -65.41 -10.01
C GLY B 264 1.72 -65.69 -10.27
N GLY B 265 0.97 -64.65 -10.62
CA GLY B 265 -0.45 -64.80 -10.89
C GLY B 265 -1.22 -63.69 -10.23
N LEU B 266 -0.52 -62.89 -9.44
CA LEU B 266 -1.11 -61.76 -8.72
C LEU B 266 -0.52 -60.48 -9.29
N GLY B 267 -1.03 -60.05 -10.45
CA GLY B 267 -0.52 -58.85 -11.08
C GLY B 267 -0.73 -57.58 -10.28
N ASP B 268 0.14 -56.59 -10.50
CA ASP B 268 0.05 -55.29 -9.82
C ASP B 268 -1.37 -54.79 -9.94
N VAL B 269 -1.97 -55.07 -11.10
CA VAL B 269 -3.34 -54.67 -11.39
C VAL B 269 -4.24 -55.03 -10.22
N LYS B 270 -4.32 -56.32 -9.92
CA LYS B 270 -5.15 -56.82 -8.84
C LYS B 270 -4.69 -56.42 -7.45
N VAL B 271 -3.38 -56.35 -7.23
CA VAL B 271 -2.88 -55.96 -5.91
C VAL B 271 -3.34 -54.54 -5.65
N LYS B 272 -3.02 -53.62 -6.57
CA LYS B 272 -3.43 -52.23 -6.43
C LYS B 272 -4.94 -52.19 -6.37
N LYS B 273 -5.56 -53.03 -7.19
CA LYS B 273 -7.02 -53.10 -7.25
C LYS B 273 -7.60 -53.31 -5.87
N HIS B 274 -6.81 -53.89 -4.98
CA HIS B 274 -7.25 -54.13 -3.60
C HIS B 274 -7.00 -52.85 -2.82
N LEU B 275 -5.80 -52.30 -2.99
CA LEU B 275 -5.38 -51.08 -2.31
C LEU B 275 -6.40 -49.94 -2.40
N ILE B 276 -7.18 -49.93 -3.46
CA ILE B 276 -8.19 -48.89 -3.65
C ILE B 276 -9.45 -49.20 -2.85
N ASP B 277 -9.84 -50.47 -2.81
CA ASP B 277 -11.03 -50.86 -2.07
C ASP B 277 -10.69 -50.88 -0.58
N VAL B 278 -9.39 -50.81 -0.27
CA VAL B 278 -8.93 -50.80 1.11
C VAL B 278 -8.84 -49.35 1.57
N LEU B 279 -8.28 -48.50 0.72
CA LEU B 279 -8.16 -47.09 1.04
C LEU B 279 -9.53 -46.45 0.97
N ASN B 280 -10.45 -47.06 0.23
CA ASN B 280 -11.80 -46.54 0.09
C ASN B 280 -12.67 -47.03 1.24
N GLY B 281 -12.31 -48.19 1.80
CA GLY B 281 -13.06 -48.72 2.92
C GLY B 281 -12.69 -47.92 4.13
N VAL B 282 -11.46 -47.40 4.13
CA VAL B 282 -10.98 -46.61 5.24
C VAL B 282 -11.37 -45.14 5.08
N LEU B 283 -11.28 -44.63 3.85
CA LEU B 283 -11.62 -43.24 3.58
C LEU B 283 -13.11 -42.96 3.70
N ALA B 284 -13.92 -43.94 3.33
CA ALA B 284 -15.38 -43.81 3.37
C ALA B 284 -15.94 -43.20 4.65
N PRO B 285 -15.61 -43.77 5.82
CA PRO B 285 -16.13 -43.21 7.08
C PRO B 285 -15.66 -41.79 7.33
N ILE B 286 -14.36 -41.57 7.15
CA ILE B 286 -13.76 -40.26 7.36
C ILE B 286 -14.25 -39.22 6.35
N ARG B 287 -14.53 -39.69 5.13
CA ARG B 287 -15.02 -38.83 4.07
C ARG B 287 -16.43 -38.37 4.43
N THR B 288 -17.14 -39.21 5.17
CA THR B 288 -18.51 -38.93 5.57
C THR B 288 -18.67 -37.98 6.76
N ARG B 289 -17.70 -37.97 7.66
CA ARG B 289 -17.78 -37.10 8.83
C ARG B 289 -17.43 -35.68 8.41
N ARG B 290 -16.40 -35.54 7.58
CA ARG B 290 -15.98 -34.24 7.10
C ARG B 290 -17.18 -33.57 6.44
N ALA B 291 -17.99 -34.36 5.73
CA ALA B 291 -19.17 -33.86 5.04
C ALA B 291 -20.19 -33.33 6.05
N GLU B 292 -20.21 -33.94 7.23
CA GLU B 292 -21.12 -33.55 8.29
C GLU B 292 -20.62 -32.30 9.00
N TYR B 293 -19.30 -32.13 9.04
CA TYR B 293 -18.70 -30.97 9.68
C TYR B 293 -18.61 -29.78 8.74
N GLU B 294 -18.19 -30.02 7.50
CA GLU B 294 -18.10 -28.94 6.53
C GLU B 294 -19.46 -28.27 6.45
N ARG B 295 -20.50 -29.10 6.54
CA ARG B 295 -21.87 -28.61 6.50
C ARG B 295 -22.24 -27.93 7.82
N ASP B 296 -21.53 -28.30 8.88
CA ASP B 296 -21.76 -27.75 10.21
C ASP B 296 -20.51 -26.98 10.66
N PRO B 297 -20.28 -25.79 10.12
CA PRO B 297 -19.10 -24.99 10.48
C PRO B 297 -18.90 -24.68 11.96
N ASP B 298 -19.95 -24.21 12.61
CA ASP B 298 -19.87 -23.86 14.02
C ASP B 298 -19.34 -25.00 14.90
N ALA B 299 -19.43 -26.22 14.41
CA ALA B 299 -18.98 -27.39 15.17
C ALA B 299 -17.47 -27.50 15.31
N VAL B 300 -16.73 -27.18 14.24
CA VAL B 300 -15.27 -27.25 14.27
C VAL B 300 -14.76 -26.16 15.21
N LEU B 301 -15.37 -24.99 15.13
CA LEU B 301 -15.00 -23.84 15.95
C LEU B 301 -15.13 -24.16 17.43
N ARG B 302 -16.29 -24.67 17.82
CA ARG B 302 -16.55 -25.02 19.22
C ARG B 302 -15.53 -26.04 19.71
N PHE B 303 -15.25 -27.04 18.88
CA PHE B 303 -14.29 -28.08 19.20
C PHE B 303 -12.96 -27.46 19.66
N VAL B 304 -12.47 -26.47 18.92
CA VAL B 304 -11.20 -25.84 19.26
C VAL B 304 -11.33 -24.77 20.35
N THR B 305 -12.35 -23.94 20.27
CA THR B 305 -12.54 -22.89 21.26
C THR B 305 -12.75 -23.48 22.65
N GLU B 306 -13.56 -24.53 22.74
CA GLU B 306 -13.83 -25.15 24.04
C GLU B 306 -12.64 -25.98 24.49
N GLY B 307 -11.93 -26.56 23.53
CA GLY B 307 -10.76 -27.33 23.87
C GLY B 307 -9.62 -26.39 24.28
N THR B 308 -9.59 -25.20 23.68
CA THR B 308 -8.54 -24.24 23.97
C THR B 308 -8.70 -23.65 25.37
N ALA B 309 -9.93 -23.39 25.77
CA ALA B 309 -10.19 -22.83 27.10
C ALA B 309 -9.91 -23.89 28.16
N ARG B 310 -10.07 -25.15 27.79
CA ARG B 310 -9.82 -26.27 28.69
C ARG B 310 -8.32 -26.39 28.89
N GLY B 311 -7.59 -26.33 27.78
CA GLY B 311 -6.14 -26.44 27.83
C GLY B 311 -5.49 -25.27 28.55
N ARG B 312 -6.11 -24.10 28.47
CA ARG B 312 -5.58 -22.90 29.11
C ARG B 312 -5.84 -22.99 30.61
N GLU B 313 -6.98 -23.56 30.97
CA GLU B 313 -7.32 -23.72 32.37
C GLU B 313 -6.21 -24.53 33.02
N VAL B 314 -5.70 -25.54 32.30
CA VAL B 314 -4.65 -26.41 32.79
C VAL B 314 -3.31 -25.69 32.79
N ALA B 315 -2.92 -25.15 31.64
CA ALA B 315 -1.68 -24.43 31.48
C ALA B 315 -1.53 -23.35 32.57
N ALA B 316 -2.66 -22.74 32.92
CA ALA B 316 -2.69 -21.69 33.93
C ALA B 316 -2.43 -22.25 35.34
N GLN B 317 -2.89 -23.48 35.59
CA GLN B 317 -2.67 -24.12 36.88
C GLN B 317 -1.18 -24.39 36.97
N THR B 318 -0.64 -25.00 35.92
CA THR B 318 0.79 -25.30 35.88
C THR B 318 1.65 -24.05 36.10
N LEU B 319 1.39 -23.00 35.33
CA LEU B 319 2.16 -21.78 35.47
C LEU B 319 2.01 -21.23 36.88
N GLY B 320 0.84 -21.43 37.48
CA GLY B 320 0.64 -20.95 38.85
C GLY B 320 1.65 -21.61 39.76
N GLN B 321 1.91 -22.89 39.52
CA GLN B 321 2.86 -23.66 40.30
C GLN B 321 4.29 -23.27 39.95
N VAL B 322 4.52 -23.03 38.66
CA VAL B 322 5.85 -22.64 38.20
C VAL B 322 6.31 -21.30 38.81
N ARG B 323 5.45 -20.27 38.75
CA ARG B 323 5.78 -18.96 39.28
C ARG B 323 6.16 -19.04 40.76
N ARG B 324 5.38 -19.79 41.53
CA ARG B 324 5.63 -19.96 42.96
C ARG B 324 6.91 -20.74 43.21
N ALA B 325 7.09 -21.83 42.48
CA ALA B 325 8.26 -22.68 42.64
C ALA B 325 9.53 -21.93 42.31
N MET B 326 9.46 -21.02 41.35
CA MET B 326 10.63 -20.23 40.96
C MET B 326 10.80 -19.02 41.88
N ARG B 327 9.92 -18.87 42.87
CA ARG B 327 9.99 -17.74 43.79
C ARG B 327 10.02 -16.41 43.03
N LEU B 328 9.09 -16.25 42.11
CA LEU B 328 8.97 -15.03 41.32
C LEU B 328 8.31 -13.98 42.20
N PHE B 329 8.77 -12.74 42.08
CA PHE B 329 8.24 -11.63 42.85
C PHE B 329 6.71 -11.64 42.88
N GLY B 330 6.14 -11.60 44.07
CA GLY B 330 4.69 -11.60 44.21
C GLY B 330 4.05 -12.97 44.20
N HIS B 331 4.86 -14.02 44.18
CA HIS B 331 4.33 -15.39 44.16
C HIS B 331 4.89 -16.24 45.28
N ALA C 1 2.09 47.49 -22.61
CA ALA C 1 1.67 46.43 -21.66
C ALA C 1 0.14 46.32 -21.55
N ARG C 2 -0.45 45.44 -22.36
CA ARG C 2 -1.91 45.25 -22.33
C ARG C 2 -2.18 43.79 -21.96
N PRO C 3 -1.87 42.85 -22.86
CA PRO C 3 -2.15 41.47 -22.48
C PRO C 3 -1.07 40.96 -21.52
N ARG C 4 -1.45 40.06 -20.62
CA ARG C 4 -0.49 39.50 -19.68
C ARG C 4 0.11 38.24 -20.33
N VAL C 5 1.43 38.21 -20.46
CA VAL C 5 2.11 37.06 -21.04
C VAL C 5 2.85 36.27 -19.97
N LEU C 6 2.74 34.95 -20.05
CA LEU C 6 3.47 34.11 -19.11
C LEU C 6 4.34 33.16 -19.91
N THR C 7 5.64 33.14 -19.58
CA THR C 7 6.59 32.26 -20.22
C THR C 7 7.41 31.69 -19.08
N GLY C 8 8.29 30.74 -19.37
CA GLY C 8 9.11 30.16 -18.33
C GLY C 8 10.12 29.11 -18.74
N ASP C 9 10.88 28.62 -17.76
CA ASP C 9 11.89 27.60 -18.01
C ASP C 9 12.08 26.81 -16.73
N ARG C 10 12.43 25.54 -16.85
CA ARG C 10 12.69 24.81 -15.61
C ARG C 10 14.17 24.99 -15.37
N PRO C 11 14.54 25.49 -14.19
CA PRO C 11 15.96 25.71 -13.86
C PRO C 11 16.70 24.39 -13.64
N THR C 12 17.37 23.91 -14.69
CA THR C 12 18.13 22.67 -14.62
C THR C 12 19.56 22.82 -15.16
N GLY C 13 19.87 24.01 -15.68
CA GLY C 13 21.18 24.28 -16.25
C GLY C 13 21.19 25.63 -16.94
N ALA C 14 22.34 26.12 -17.38
CA ALA C 14 22.40 27.43 -18.02
C ALA C 14 21.69 27.46 -19.37
N LEU C 15 21.25 28.64 -19.79
CA LEU C 15 20.61 28.80 -21.08
C LEU C 15 21.64 28.88 -22.19
N HIS C 16 21.23 28.46 -23.38
CA HIS C 16 22.12 28.43 -24.52
C HIS C 16 21.51 29.00 -25.80
N LEU C 17 22.30 29.00 -26.87
CA LEU C 17 21.87 29.53 -28.17
C LEU C 17 20.50 29.01 -28.64
N GLY C 18 20.11 27.82 -28.18
CA GLY C 18 18.81 27.26 -28.57
C GLY C 18 17.69 28.04 -27.94
N HIS C 19 17.84 28.36 -26.67
CA HIS C 19 16.87 29.16 -25.92
C HIS C 19 16.84 30.59 -26.46
N LEU C 20 18.00 31.10 -26.87
CA LEU C 20 18.08 32.47 -27.37
C LEU C 20 17.27 32.59 -28.64
N ALA C 21 17.54 31.72 -29.59
CA ALA C 21 16.83 31.75 -30.87
C ALA C 21 15.33 31.42 -30.78
N GLY C 22 15.00 30.41 -29.97
CA GLY C 22 13.62 29.99 -29.88
C GLY C 22 12.71 30.63 -28.85
N SER C 23 13.23 31.49 -27.98
CA SER C 23 12.36 32.09 -26.96
C SER C 23 12.78 33.43 -26.36
N LEU C 24 14.05 33.55 -25.98
CA LEU C 24 14.54 34.75 -25.30
C LEU C 24 14.46 35.96 -26.22
N GLN C 25 14.91 35.89 -27.47
CA GLN C 25 14.84 37.06 -28.35
C GLN C 25 13.41 37.61 -28.41
N ASN C 26 12.43 36.75 -28.67
CA ASN C 26 11.03 37.16 -28.75
C ASN C 26 10.58 37.73 -27.41
N ARG C 27 11.11 37.17 -26.33
CA ARG C 27 10.77 37.61 -24.99
C ARG C 27 11.26 39.04 -24.72
N VAL C 28 12.45 39.39 -25.23
CA VAL C 28 12.97 40.73 -25.05
C VAL C 28 12.05 41.68 -25.85
N ARG C 29 11.41 41.14 -26.88
CA ARG C 29 10.50 41.95 -27.69
C ARG C 29 9.17 42.12 -26.96
N LEU C 30 8.64 41.03 -26.42
CA LEU C 30 7.37 41.04 -25.69
C LEU C 30 7.34 41.94 -24.45
N GLN C 31 8.48 42.15 -23.81
CA GLN C 31 8.48 42.98 -22.60
C GLN C 31 8.11 44.46 -22.83
N ASP C 32 8.03 44.86 -24.09
CA ASP C 32 7.71 46.24 -24.45
C ASP C 32 6.30 46.41 -25.02
N GLU C 33 5.66 45.32 -25.42
CA GLU C 33 4.31 45.38 -25.95
C GLU C 33 3.35 44.52 -25.16
N ALA C 34 3.73 44.22 -23.92
CA ALA C 34 2.90 43.40 -23.06
C ALA C 34 3.46 43.39 -21.64
N GLU C 35 2.70 42.85 -20.71
CA GLU C 35 3.14 42.74 -19.34
C GLU C 35 3.69 41.32 -19.28
N LEU C 36 5.01 41.20 -19.35
CA LEU C 36 5.68 39.91 -19.37
C LEU C 36 6.08 39.35 -18.00
N PHE C 37 5.65 38.10 -17.75
CA PHE C 37 5.98 37.37 -16.52
C PHE C 37 6.81 36.17 -16.99
N VAL C 38 7.90 35.86 -16.29
CA VAL C 38 8.75 34.73 -16.63
C VAL C 38 8.91 33.87 -15.38
N LEU C 39 8.42 32.65 -15.46
CA LEU C 39 8.44 31.72 -14.36
C LEU C 39 9.64 30.80 -14.28
N LEU C 40 10.38 30.90 -13.20
CA LEU C 40 11.51 30.02 -12.95
C LEU C 40 10.82 28.83 -12.29
N ALA C 41 10.40 27.87 -13.10
CA ALA C 41 9.70 26.71 -12.60
C ALA C 41 10.52 25.60 -11.94
N ASP C 42 10.96 25.85 -10.70
CA ASP C 42 11.73 24.86 -9.97
C ASP C 42 10.85 23.72 -9.45
N VAL C 43 9.55 23.98 -9.26
CA VAL C 43 8.63 22.94 -8.81
C VAL C 43 8.53 21.94 -9.97
N GLN C 44 8.21 22.43 -11.15
CA GLN C 44 8.10 21.56 -12.32
C GLN C 44 9.42 20.86 -12.61
N ALA C 45 10.55 21.54 -12.40
CA ALA C 45 11.86 20.94 -12.67
C ALA C 45 12.08 19.73 -11.75
N LEU C 46 11.47 19.75 -10.59
CA LEU C 46 11.59 18.65 -9.65
C LEU C 46 10.76 17.44 -10.07
N THR C 47 9.89 17.58 -11.09
CA THR C 47 9.10 16.41 -11.47
C THR C 47 10.06 15.32 -11.96
N ASP C 48 11.19 15.71 -12.57
CA ASP C 48 12.17 14.73 -13.00
C ASP C 48 13.53 14.95 -12.35
N HIS C 49 13.67 15.99 -11.53
CA HIS C 49 14.94 16.27 -10.86
C HIS C 49 14.82 16.20 -9.34
N PHE C 50 13.81 15.47 -8.89
CA PHE C 50 13.53 15.29 -7.47
C PHE C 50 14.70 14.61 -6.75
N ASP C 51 15.58 13.97 -7.52
CA ASP C 51 16.74 13.30 -6.95
C ASP C 51 17.98 14.18 -7.01
N ARG C 52 17.82 15.40 -7.55
CA ARG C 52 18.92 16.36 -7.62
C ARG C 52 18.40 17.76 -7.29
N PRO C 53 17.92 17.93 -6.05
CA PRO C 53 17.39 19.23 -5.65
C PRO C 53 18.42 20.34 -5.72
N GLU C 54 19.67 20.02 -5.39
CA GLU C 54 20.73 21.02 -5.44
C GLU C 54 20.91 21.62 -6.81
N GLN C 55 20.87 20.77 -7.83
CA GLN C 55 21.03 21.24 -9.20
C GLN C 55 19.97 22.27 -9.55
N VAL C 56 18.72 22.00 -9.16
CA VAL C 56 17.62 22.90 -9.44
C VAL C 56 17.81 24.22 -8.69
N ARG C 57 18.12 24.12 -7.41
CA ARG C 57 18.33 25.29 -6.56
C ARG C 57 19.37 26.24 -7.16
N GLU C 58 20.56 25.72 -7.47
CA GLU C 58 21.60 26.56 -8.05
C GLU C 58 21.27 27.12 -9.41
N ASN C 59 20.29 26.54 -10.09
CA ASN C 59 19.99 27.09 -11.40
C ASN C 59 18.89 28.13 -11.44
N VAL C 60 18.24 28.38 -10.31
CA VAL C 60 17.23 29.42 -10.26
C VAL C 60 17.98 30.74 -10.50
N LEU C 61 18.99 31.02 -9.69
CA LEU C 61 19.76 32.26 -9.87
C LEU C 61 20.55 32.27 -11.20
N ALA C 62 21.06 31.11 -11.58
CA ALA C 62 21.83 30.98 -12.82
C ALA C 62 20.98 31.30 -14.06
N VAL C 63 19.74 30.84 -14.10
CA VAL C 63 18.92 31.13 -15.26
C VAL C 63 18.47 32.59 -15.21
N ALA C 64 18.17 33.09 -14.02
CA ALA C 64 17.78 34.49 -13.93
C ALA C 64 18.91 35.35 -14.49
N LEU C 65 20.16 34.98 -14.22
CA LEU C 65 21.32 35.72 -14.72
C LEU C 65 21.25 35.69 -16.24
N ASP C 66 20.98 34.50 -16.80
CA ASP C 66 20.85 34.36 -18.24
C ASP C 66 19.74 35.25 -18.80
N TYR C 67 18.62 35.38 -18.09
CA TYR C 67 17.50 36.23 -18.54
C TYR C 67 17.98 37.66 -18.68
N LEU C 68 18.71 38.12 -17.66
CA LEU C 68 19.27 39.46 -17.62
C LEU C 68 20.29 39.65 -18.73
N ALA C 69 21.21 38.69 -18.83
CA ALA C 69 22.24 38.74 -19.85
C ALA C 69 21.64 38.85 -21.22
N ALA C 70 20.55 38.11 -21.42
CA ALA C 70 19.88 38.08 -22.71
C ALA C 70 19.17 39.40 -23.02
N GLY C 71 19.04 40.26 -22.02
CA GLY C 71 18.40 41.54 -22.26
C GLY C 71 17.03 41.76 -21.64
N LEU C 72 16.58 40.86 -20.78
CA LEU C 72 15.29 41.02 -20.13
C LEU C 72 15.48 42.13 -19.09
N ASP C 73 14.69 43.17 -19.20
CA ASP C 73 14.77 44.34 -18.33
C ASP C 73 14.10 44.16 -16.98
N PRO C 74 14.87 44.28 -15.88
CA PRO C 74 14.25 44.11 -14.57
C PRO C 74 13.12 45.11 -14.35
N GLN C 75 13.07 46.14 -15.19
CA GLN C 75 12.02 47.13 -15.07
C GLN C 75 10.78 46.83 -15.91
N LYS C 76 10.92 45.88 -16.83
CA LYS C 76 9.81 45.49 -17.71
C LYS C 76 9.30 44.07 -17.41
N THR C 77 10.18 43.17 -17.01
CA THR C 77 9.74 41.82 -16.76
C THR C 77 9.70 41.40 -15.31
N THR C 78 8.68 40.59 -15.00
CA THR C 78 8.43 40.06 -13.68
C THR C 78 8.93 38.62 -13.63
N CYS C 79 10.01 38.41 -12.91
CA CYS C 79 10.60 37.08 -12.79
C CYS C 79 10.19 36.46 -11.47
N VAL C 80 9.48 35.34 -11.50
CA VAL C 80 9.02 34.74 -10.26
C VAL C 80 9.51 33.32 -10.07
N VAL C 81 9.76 32.96 -8.82
CA VAL C 81 10.21 31.63 -8.46
C VAL C 81 8.97 30.82 -8.09
N GLN C 82 8.69 29.79 -8.90
CA GLN C 82 7.53 28.96 -8.67
C GLN C 82 7.34 28.54 -7.23
N SER C 83 8.44 28.05 -6.62
CA SER C 83 8.50 27.57 -5.25
C SER C 83 7.91 28.55 -4.23
N ALA C 84 8.22 29.80 -4.45
CA ALA C 84 7.81 30.88 -3.61
C ALA C 84 6.38 31.25 -3.77
N VAL C 85 5.65 30.59 -4.66
CA VAL C 85 4.24 30.92 -4.80
C VAL C 85 3.44 29.64 -4.62
N PRO C 86 3.28 29.21 -3.37
CA PRO C 86 2.54 27.98 -3.01
C PRO C 86 1.11 27.94 -3.54
N GLU C 87 0.58 29.10 -3.90
CA GLU C 87 -0.78 29.18 -4.44
C GLU C 87 -0.85 28.34 -5.71
N LEU C 88 0.29 28.21 -6.39
CA LEU C 88 0.33 27.44 -7.63
C LEU C 88 0.09 25.97 -7.33
N ALA C 89 0.68 25.45 -6.27
CA ALA C 89 0.47 24.05 -5.90
C ALA C 89 -0.98 23.83 -5.46
N GLU C 90 -1.55 24.84 -4.79
CA GLU C 90 -2.93 24.76 -4.33
C GLU C 90 -3.87 24.66 -5.50
N LEU C 91 -3.66 25.50 -6.51
CA LEU C 91 -4.51 25.47 -7.67
C LEU C 91 -4.27 24.18 -8.48
N THR C 92 -3.03 23.66 -8.53
CA THR C 92 -2.81 22.41 -9.29
C THR C 92 -3.65 21.28 -8.70
N VAL C 93 -3.73 21.20 -7.37
CA VAL C 93 -4.53 20.13 -6.78
C VAL C 93 -6.00 20.22 -7.18
N TYR C 94 -6.56 21.44 -7.21
CA TYR C 94 -7.97 21.59 -7.61
C TYR C 94 -8.09 21.28 -9.09
N PHE C 95 -7.11 21.72 -9.89
CA PHE C 95 -7.14 21.44 -11.32
C PHE C 95 -7.06 19.93 -11.61
N LEU C 96 -6.46 19.17 -10.71
CA LEU C 96 -6.35 17.72 -10.91
C LEU C 96 -7.70 16.99 -11.03
N ASN C 97 -8.74 17.60 -10.48
CA ASN C 97 -10.08 17.00 -10.52
C ASN C 97 -10.74 17.27 -11.87
N LEU C 98 -10.24 18.24 -12.61
CA LEU C 98 -10.87 18.59 -13.87
C LEU C 98 -10.28 17.89 -15.09
N VAL C 99 -9.44 16.88 -14.87
CA VAL C 99 -8.81 16.14 -15.97
C VAL C 99 -8.73 14.67 -15.62
N THR C 100 -8.81 13.82 -16.64
CA THR C 100 -8.78 12.38 -16.45
C THR C 100 -7.39 11.78 -16.65
N VAL C 101 -7.13 10.65 -16.03
CA VAL C 101 -5.84 9.98 -16.19
C VAL C 101 -5.75 9.61 -17.65
N SER C 102 -6.86 9.14 -18.18
CA SER C 102 -6.98 8.74 -19.57
C SER C 102 -6.52 9.85 -20.50
N HIS C 103 -7.06 11.05 -20.30
CA HIS C 103 -6.68 12.20 -21.14
C HIS C 103 -5.22 12.63 -20.91
N LEU C 104 -4.73 12.53 -19.68
CA LEU C 104 -3.33 12.94 -19.40
C LEU C 104 -2.35 12.03 -20.12
N ARG C 105 -2.72 10.75 -20.23
CA ARG C 105 -1.87 9.77 -20.87
C ARG C 105 -1.78 10.00 -22.37
N GLN C 106 -2.80 10.65 -22.94
CA GLN C 106 -2.84 10.92 -24.37
C GLN C 106 -1.96 12.10 -24.82
N ASN C 107 -1.48 12.91 -23.88
CA ASN C 107 -0.64 14.06 -24.22
C ASN C 107 0.58 13.56 -25.00
N PRO C 108 0.68 13.96 -26.28
CA PRO C 108 1.80 13.54 -27.13
C PRO C 108 3.17 14.03 -26.75
N THR C 109 3.27 15.20 -26.15
CA THR C 109 4.58 15.72 -25.80
C THR C 109 5.13 15.06 -24.54
N VAL C 110 4.27 14.83 -23.57
CA VAL C 110 4.68 14.17 -22.33
C VAL C 110 4.92 12.68 -22.65
N LYS C 111 4.12 12.14 -23.57
CA LYS C 111 4.27 10.75 -23.96
C LYS C 111 5.65 10.54 -24.59
N ALA C 112 6.09 11.51 -25.40
CA ALA C 112 7.39 11.40 -26.04
C ALA C 112 8.52 11.59 -25.03
N GLU C 113 8.32 12.51 -24.09
CA GLU C 113 9.30 12.78 -23.04
C GLU C 113 9.47 11.52 -22.17
N ILE C 114 8.37 10.83 -21.91
CA ILE C 114 8.42 9.63 -21.11
C ILE C 114 9.18 8.56 -21.89
N ALA C 115 9.02 8.61 -23.21
CA ALA C 115 9.67 7.66 -24.09
C ALA C 115 11.16 7.94 -24.12
N GLN C 116 11.54 9.19 -24.28
CA GLN C 116 12.95 9.51 -24.31
C GLN C 116 13.60 9.30 -22.93
N LYS C 117 12.84 9.56 -21.87
CA LYS C 117 13.36 9.35 -20.51
C LYS C 117 13.53 7.86 -20.20
N GLY C 118 12.76 7.02 -20.90
CA GLY C 118 12.84 5.59 -20.68
C GLY C 118 12.22 5.12 -19.38
N TYR C 119 11.32 5.92 -18.81
CA TYR C 119 10.65 5.56 -17.57
C TYR C 119 9.92 4.24 -17.69
N GLY C 120 9.32 4.00 -18.85
CA GLY C 120 8.56 2.78 -19.03
C GLY C 120 7.22 3.05 -18.41
N GLU C 121 6.87 2.26 -17.40
CA GLU C 121 5.60 2.45 -16.69
C GLU C 121 5.93 3.13 -15.39
N ARG C 122 7.22 3.09 -15.05
CA ARG C 122 7.74 3.69 -13.83
C ARG C 122 7.86 5.19 -13.98
N VAL C 123 6.75 5.84 -14.35
CA VAL C 123 6.73 7.27 -14.51
C VAL C 123 6.43 7.93 -13.16
N PRO C 124 7.27 8.88 -12.73
CA PRO C 124 6.92 9.48 -11.44
C PRO C 124 5.60 10.21 -11.61
N ALA C 125 4.70 10.07 -10.64
CA ALA C 125 3.38 10.72 -10.72
C ALA C 125 3.44 12.22 -10.97
N GLY C 126 4.39 12.92 -10.33
CA GLY C 126 4.49 14.36 -10.51
C GLY C 126 4.70 14.75 -11.96
N PHE C 127 5.53 13.98 -12.65
CA PHE C 127 5.82 14.23 -14.06
C PHE C 127 4.65 13.92 -14.99
N PHE C 128 3.92 12.85 -14.68
CA PHE C 128 2.75 12.43 -15.47
C PHE C 128 1.72 13.56 -15.47
N VAL C 129 1.49 14.17 -14.31
CA VAL C 129 0.52 15.25 -14.24
C VAL C 129 1.09 16.67 -14.36
N TYR C 130 2.35 16.82 -14.79
CA TYR C 130 2.89 18.18 -14.86
C TYR C 130 2.14 19.13 -15.80
N PRO C 131 1.43 18.61 -16.81
CA PRO C 131 0.71 19.56 -17.67
C PRO C 131 -0.35 20.32 -16.86
N VAL C 132 -0.88 19.70 -15.81
CA VAL C 132 -1.90 20.37 -15.00
C VAL C 132 -1.27 21.45 -14.10
N SER C 133 -0.08 21.18 -13.53
CA SER C 133 0.56 22.20 -12.69
C SER C 133 0.91 23.38 -13.59
N GLN C 134 1.19 23.10 -14.84
CA GLN C 134 1.49 24.18 -15.79
C GLN C 134 0.21 24.96 -16.11
N ALA C 135 -0.94 24.26 -16.25
CA ALA C 135 -2.20 24.95 -16.50
C ALA C 135 -2.47 25.86 -15.30
N ALA C 136 -2.08 25.40 -14.11
CA ALA C 136 -2.24 26.16 -12.86
C ALA C 136 -1.40 27.46 -12.90
N ASP C 137 -0.18 27.35 -13.44
CA ASP C 137 0.74 28.48 -13.58
C ASP C 137 0.11 29.53 -14.46
N ILE C 138 -0.41 29.11 -15.60
CA ILE C 138 -1.03 30.03 -16.54
C ILE C 138 -2.25 30.72 -15.94
N ALA C 139 -3.20 29.91 -15.44
CA ALA C 139 -4.44 30.43 -14.85
C ALA C 139 -4.24 31.31 -13.63
N ALA C 140 -3.28 30.96 -12.77
CA ALA C 140 -3.03 31.71 -11.56
C ALA C 140 -2.47 33.10 -11.84
N PHE C 141 -1.51 33.19 -12.76
CA PHE C 141 -0.93 34.49 -13.09
C PHE C 141 -1.83 35.28 -14.04
N GLY C 142 -2.98 34.71 -14.38
CA GLY C 142 -3.94 35.37 -15.26
C GLY C 142 -3.46 35.70 -16.65
N ALA C 143 -2.65 34.81 -17.21
CA ALA C 143 -2.10 35.00 -18.55
C ALA C 143 -3.15 34.81 -19.63
N THR C 144 -3.18 35.74 -20.59
CA THR C 144 -4.09 35.65 -21.72
C THR C 144 -3.31 35.34 -23.01
N LEU C 145 -1.98 35.36 -22.92
CA LEU C 145 -1.16 35.08 -24.08
C LEU C 145 0.07 34.26 -23.64
N VAL C 146 0.28 33.12 -24.31
CA VAL C 146 1.40 32.26 -23.95
C VAL C 146 2.23 31.82 -25.15
N PRO C 147 3.47 32.37 -25.27
CA PRO C 147 4.34 31.99 -26.39
C PRO C 147 4.50 30.48 -26.42
N VAL C 148 4.32 29.89 -27.59
CA VAL C 148 4.40 28.44 -27.65
C VAL C 148 4.94 27.87 -28.94
N GLY C 149 5.69 26.78 -28.80
CA GLY C 149 6.22 26.07 -29.95
C GLY C 149 5.17 25.00 -30.16
N ASP C 150 5.02 24.46 -31.37
CA ASP C 150 4.00 23.44 -31.57
C ASP C 150 4.14 22.24 -30.66
N ASP C 151 5.27 22.14 -29.95
CA ASP C 151 5.50 21.06 -29.00
C ASP C 151 4.81 21.34 -27.68
N GLN C 152 4.64 22.62 -27.33
CA GLN C 152 4.00 22.94 -26.06
C GLN C 152 2.51 23.26 -26.25
N LEU C 153 2.01 23.07 -27.47
CA LEU C 153 0.60 23.35 -27.76
C LEU C 153 -0.34 22.44 -27.00
N PRO C 154 0.00 21.15 -26.87
CA PRO C 154 -0.96 20.37 -26.11
C PRO C 154 -1.00 20.81 -24.64
N MET C 155 0.10 21.38 -24.15
CA MET C 155 0.13 21.88 -22.77
C MET C 155 -0.82 23.06 -22.69
N LEU C 156 -0.76 23.90 -23.72
CA LEU C 156 -1.60 25.07 -23.83
C LEU C 156 -3.07 24.66 -24.00
N GLU C 157 -3.35 23.77 -24.96
CA GLU C 157 -4.72 23.33 -25.18
C GLU C 157 -5.28 22.70 -23.90
N GLN C 158 -4.45 21.97 -23.16
CA GLN C 158 -5.01 21.37 -21.96
C GLN C 158 -5.32 22.40 -20.88
N THR C 159 -4.59 23.50 -20.87
CA THR C 159 -4.85 24.57 -19.93
C THR C 159 -6.21 25.16 -20.34
N ARG C 160 -6.36 25.41 -21.64
CA ARG C 160 -7.60 25.95 -22.16
C ARG C 160 -8.79 25.08 -21.80
N GLU C 161 -8.62 23.77 -21.86
CA GLU C 161 -9.71 22.86 -21.52
C GLU C 161 -10.02 22.91 -20.02
N ILE C 162 -8.98 23.00 -19.21
CA ILE C 162 -9.17 23.04 -17.76
C ILE C 162 -9.84 24.35 -17.34
N VAL C 163 -9.37 25.46 -17.92
CA VAL C 163 -9.93 26.76 -17.60
C VAL C 163 -11.43 26.77 -17.90
N ARG C 164 -11.76 26.21 -19.07
CA ARG C 164 -13.13 26.12 -19.54
C ARG C 164 -13.97 25.29 -18.57
N ARG C 165 -13.45 24.13 -18.18
CA ARG C 165 -14.17 23.25 -17.27
C ARG C 165 -14.33 23.91 -15.91
N PHE C 166 -13.30 24.62 -15.46
CA PHE C 166 -13.41 25.27 -14.17
C PHE C 166 -14.47 26.37 -14.21
N ASN C 167 -14.50 27.13 -15.30
CA ASN C 167 -15.47 28.19 -15.43
C ASN C 167 -16.90 27.64 -15.51
N ALA C 168 -17.11 26.53 -16.23
CA ALA C 168 -18.46 25.99 -16.35
C ALA C 168 -18.94 25.35 -15.04
N LEU C 169 -18.04 24.69 -14.32
CA LEU C 169 -18.39 24.02 -13.06
C LEU C 169 -18.57 24.96 -11.87
N TYR C 170 -17.72 25.96 -11.79
CA TYR C 170 -17.76 26.86 -10.67
C TYR C 170 -18.29 28.24 -11.07
N ALA C 171 -17.41 29.09 -11.56
CA ALA C 171 -17.77 30.42 -12.01
C ALA C 171 -16.71 30.86 -13.02
N PRO C 172 -17.13 31.51 -14.12
CA PRO C 172 -16.27 32.00 -15.20
C PRO C 172 -15.31 33.07 -14.70
N VAL C 173 -14.40 32.66 -13.83
CA VAL C 173 -13.46 33.56 -13.20
C VAL C 173 -12.00 33.50 -13.72
N LEU C 174 -11.70 32.50 -14.56
CA LEU C 174 -10.36 32.35 -15.14
C LEU C 174 -10.29 32.82 -16.60
N ALA C 175 -9.19 33.48 -16.96
CA ALA C 175 -9.03 33.94 -18.33
C ALA C 175 -8.52 32.80 -19.17
N GLU C 176 -9.08 32.63 -20.37
CA GLU C 176 -8.65 31.56 -21.25
C GLU C 176 -7.40 32.09 -21.94
N PRO C 177 -6.30 31.34 -21.86
CA PRO C 177 -5.05 31.77 -22.48
C PRO C 177 -5.07 31.53 -23.97
N GLN C 178 -4.44 32.43 -24.73
CA GLN C 178 -4.34 32.31 -26.17
C GLN C 178 -2.88 32.06 -26.49
N ALA C 179 -2.66 31.30 -27.56
CA ALA C 179 -1.32 30.97 -27.98
C ALA C 179 -0.67 32.05 -28.83
N GLN C 180 0.64 32.11 -28.77
CA GLN C 180 1.39 33.03 -29.60
C GLN C 180 2.28 31.98 -30.23
N LEU C 181 1.80 31.41 -31.33
CA LEU C 181 2.46 30.32 -32.02
C LEU C 181 3.89 30.43 -32.53
N SER C 182 4.59 29.32 -32.34
CA SER C 182 5.97 29.05 -32.73
C SER C 182 7.01 30.15 -32.68
N ARG C 183 8.18 29.81 -33.22
CA ARG C 183 9.33 30.70 -33.31
C ARG C 183 10.16 30.09 -34.44
N VAL C 184 9.46 29.46 -35.37
CA VAL C 184 10.08 28.79 -36.50
C VAL C 184 10.90 27.65 -35.88
N PRO C 185 11.31 26.66 -36.68
CA PRO C 185 12.08 25.51 -36.20
C PRO C 185 13.14 25.72 -35.11
N ARG C 186 13.26 24.71 -34.26
CA ARG C 186 14.22 24.73 -33.17
C ARG C 186 15.66 24.66 -33.69
N LEU C 187 16.57 25.35 -33.00
CA LEU C 187 17.97 25.38 -33.39
C LEU C 187 18.61 24.00 -33.12
N PRO C 188 19.36 23.45 -34.09
CA PRO C 188 19.98 22.14 -33.85
C PRO C 188 21.25 22.29 -33.03
N GLY C 189 21.77 21.18 -32.53
CA GLY C 189 22.99 21.24 -31.75
C GLY C 189 24.19 21.39 -32.67
N LEU C 190 25.36 21.61 -32.09
CA LEU C 190 26.61 21.78 -32.87
C LEU C 190 26.92 20.61 -33.80
N ASP C 191 26.62 19.39 -33.36
CA ASP C 191 26.86 18.20 -34.14
C ASP C 191 25.74 17.84 -35.12
N GLY C 192 24.86 18.80 -35.34
CA GLY C 192 23.78 18.57 -36.25
C GLY C 192 22.58 17.79 -35.70
N GLN C 193 22.59 17.39 -34.44
CA GLN C 193 21.43 16.68 -33.94
C GLN C 193 20.22 17.64 -33.91
N ALA C 194 19.02 17.07 -33.83
CA ALA C 194 17.79 17.88 -33.82
C ALA C 194 17.71 18.83 -32.64
N LYS C 195 18.26 18.40 -31.51
CA LYS C 195 18.20 19.19 -30.29
C LYS C 195 19.56 19.62 -29.73
N MET C 196 19.62 20.85 -29.26
CA MET C 196 20.83 21.40 -28.65
C MET C 196 20.65 21.24 -27.16
N SER C 197 21.66 20.69 -26.48
CA SER C 197 21.57 20.48 -25.04
C SER C 197 22.91 20.29 -24.35
N LYS C 198 23.02 20.83 -23.15
CA LYS C 198 24.22 20.71 -22.34
C LYS C 198 24.44 19.22 -22.05
N SER C 199 23.34 18.49 -21.90
CA SER C 199 23.39 17.05 -21.64
C SER C 199 23.95 16.31 -22.83
N LEU C 200 23.49 16.67 -24.02
CA LEU C 200 23.97 16.02 -25.22
C LEU C 200 25.37 16.51 -25.56
N GLY C 201 25.84 17.52 -24.82
CA GLY C 201 27.17 18.07 -25.04
C GLY C 201 27.42 18.76 -26.37
N ASN C 202 26.37 19.32 -26.97
CA ASN C 202 26.48 19.97 -28.26
C ASN C 202 25.88 21.37 -28.22
N ALA C 203 26.10 22.07 -27.12
CA ALA C 203 25.54 23.40 -26.97
C ALA C 203 26.55 24.51 -26.74
N ILE C 204 26.15 25.71 -27.12
CA ILE C 204 26.93 26.92 -26.89
C ILE C 204 26.11 27.68 -25.86
N ALA C 205 26.65 27.84 -24.65
CA ALA C 205 25.93 28.56 -23.63
C ALA C 205 26.07 30.06 -23.83
N LEU C 206 25.08 30.80 -23.37
CA LEU C 206 25.09 32.26 -23.48
C LEU C 206 26.29 32.81 -22.71
N GLY C 207 26.72 32.07 -21.70
CA GLY C 207 27.84 32.51 -20.90
C GLY C 207 29.22 32.11 -21.42
N ASP C 208 29.29 31.31 -22.50
CA ASP C 208 30.61 30.92 -23.01
C ASP C 208 31.38 32.14 -23.51
N SER C 209 32.68 32.14 -23.20
CA SER C 209 33.59 33.22 -23.59
C SER C 209 33.62 33.27 -25.10
N ALA C 210 33.94 34.44 -25.64
CA ALA C 210 34.03 34.63 -27.08
C ALA C 210 35.01 33.59 -27.61
N ASP C 211 36.00 33.27 -26.79
CA ASP C 211 36.99 32.25 -27.12
C ASP C 211 36.26 30.95 -27.39
N GLU C 212 35.68 30.40 -26.32
CA GLU C 212 34.93 29.17 -26.37
C GLU C 212 33.96 29.09 -27.53
N VAL C 213 33.24 30.16 -27.80
CA VAL C 213 32.29 30.15 -28.90
C VAL C 213 33.08 29.78 -30.14
N ALA C 214 34.15 30.51 -30.41
CA ALA C 214 34.98 30.25 -31.58
C ALA C 214 35.30 28.77 -31.68
N ARG C 215 35.81 28.20 -30.60
CA ARG C 215 36.16 26.79 -30.58
C ARG C 215 34.98 25.87 -30.87
N LYS C 216 33.84 26.13 -30.27
CA LYS C 216 32.68 25.27 -30.49
C LYS C 216 32.24 25.32 -31.93
N VAL C 217 32.24 26.52 -32.51
CA VAL C 217 31.85 26.63 -33.90
C VAL C 217 32.80 25.81 -34.80
N MET C 218 34.11 25.84 -34.51
CA MET C 218 35.06 25.10 -35.34
C MET C 218 34.84 23.60 -35.31
N GLY C 219 34.31 23.11 -34.20
CA GLY C 219 34.07 21.68 -34.09
C GLY C 219 32.72 21.22 -34.61
N MET C 220 31.99 22.12 -35.26
CA MET C 220 30.66 21.83 -35.80
C MET C 220 30.55 20.87 -36.96
N TYR C 221 29.53 20.04 -36.90
CA TYR C 221 29.21 19.09 -37.94
C TYR C 221 28.87 19.96 -39.14
N THR C 222 29.07 19.44 -40.34
CA THR C 222 28.77 20.22 -41.54
C THR C 222 28.10 19.40 -42.63
N ASP C 223 28.91 18.71 -43.43
CA ASP C 223 28.40 17.89 -44.52
C ASP C 223 29.33 16.69 -44.70
N PRO C 224 28.97 15.53 -44.12
CA PRO C 224 29.76 14.31 -44.21
C PRO C 224 30.28 14.02 -45.61
N GLY C 225 29.60 14.58 -46.62
CA GLY C 225 30.00 14.38 -47.99
C GLY C 225 30.96 15.44 -48.48
N HIS C 226 31.15 16.48 -47.67
CA HIS C 226 32.07 17.55 -48.01
C HIS C 226 33.37 17.20 -47.32
N LEU C 227 34.41 16.94 -48.10
CA LEU C 227 35.70 16.52 -47.56
C LEU C 227 36.82 17.57 -47.56
N ARG C 228 36.87 18.36 -48.62
CA ARG C 228 37.88 19.43 -48.74
C ARG C 228 37.13 20.63 -49.27
N ALA C 229 37.79 21.78 -49.30
CA ALA C 229 37.17 23.02 -49.78
C ALA C 229 36.66 22.98 -51.21
N SER C 230 37.52 22.54 -52.13
CA SER C 230 37.18 22.47 -53.56
C SER C 230 35.91 21.69 -53.87
N ASP C 231 35.56 20.75 -53.00
CA ASP C 231 34.38 19.94 -53.20
C ASP C 231 33.09 20.73 -52.94
N PRO C 232 32.00 20.34 -53.59
CA PRO C 232 30.74 21.05 -53.37
C PRO C 232 30.22 20.52 -52.03
N GLY C 233 29.51 21.35 -51.28
CA GLY C 233 28.99 20.92 -50.01
C GLY C 233 27.49 21.15 -49.91
N ARG C 234 26.85 20.47 -48.97
CA ARG C 234 25.42 20.63 -48.82
C ARG C 234 25.05 21.58 -47.69
N VAL C 235 24.02 22.38 -47.93
CA VAL C 235 23.53 23.34 -46.94
C VAL C 235 22.47 22.68 -46.06
N GLU C 236 21.50 22.04 -46.67
CA GLU C 236 20.46 21.37 -45.91
C GLU C 236 21.11 20.39 -44.94
N GLY C 237 20.60 20.35 -43.71
CA GLY C 237 21.15 19.46 -42.71
C GLY C 237 22.44 19.96 -42.08
N ASN C 238 23.05 20.97 -42.70
CA ASN C 238 24.29 21.55 -42.21
C ASN C 238 23.98 22.63 -41.16
N PRO C 239 24.10 22.30 -39.87
CA PRO C 239 23.82 23.24 -38.78
C PRO C 239 24.57 24.57 -38.85
N VAL C 240 25.70 24.59 -39.54
CA VAL C 240 26.44 25.83 -39.65
C VAL C 240 25.59 26.86 -40.40
N PHE C 241 24.86 26.41 -41.41
CA PHE C 241 24.03 27.33 -42.17
C PHE C 241 22.71 27.56 -41.44
N THR C 242 22.31 26.59 -40.63
CA THR C 242 21.08 26.73 -39.88
C THR C 242 21.35 27.78 -38.80
N PHE C 243 22.59 27.80 -38.29
CA PHE C 243 22.92 28.79 -37.27
C PHE C 243 22.91 30.16 -37.93
N LEU C 244 23.52 30.24 -39.11
CA LEU C 244 23.57 31.50 -39.87
C LEU C 244 22.18 32.09 -40.18
N ASP C 245 21.21 31.25 -40.51
CA ASP C 245 19.88 31.75 -40.82
C ASP C 245 19.21 32.40 -39.60
N ALA C 246 19.46 31.84 -38.43
CA ALA C 246 18.86 32.32 -37.20
C ALA C 246 19.49 33.57 -36.59
N PHE C 247 20.78 33.78 -36.84
CA PHE C 247 21.45 34.94 -36.23
C PHE C 247 22.22 35.89 -37.16
N ASP C 248 22.37 35.56 -38.42
CA ASP C 248 23.10 36.47 -39.31
C ASP C 248 22.19 37.62 -39.72
N PRO C 249 22.48 38.84 -39.24
CA PRO C 249 21.70 40.03 -39.54
C PRO C 249 21.42 40.27 -41.03
N ASP C 250 22.36 39.93 -41.90
CA ASP C 250 22.11 40.14 -43.32
C ASP C 250 22.06 38.89 -44.19
N PRO C 251 20.85 38.52 -44.64
CA PRO C 251 20.58 37.35 -45.49
C PRO C 251 21.28 37.38 -46.85
N ALA C 252 21.68 38.56 -47.31
CA ALA C 252 22.35 38.66 -48.60
C ALA C 252 23.68 37.92 -48.48
N ARG C 253 24.29 38.02 -47.31
CA ARG C 253 25.57 37.37 -47.05
C ARG C 253 25.33 35.87 -46.90
N VAL C 254 24.32 35.50 -46.11
CA VAL C 254 24.03 34.10 -45.89
C VAL C 254 23.74 33.40 -47.20
N GLN C 255 23.02 34.08 -48.09
CA GLN C 255 22.68 33.48 -49.39
C GLN C 255 23.93 33.29 -50.22
N ALA C 256 24.80 34.30 -50.22
CA ALA C 256 26.03 34.23 -51.00
C ALA C 256 26.94 33.12 -50.48
N LEU C 257 26.95 32.92 -49.18
CA LEU C 257 27.78 31.86 -48.61
C LEU C 257 27.19 30.54 -49.02
N LYS C 258 25.87 30.48 -49.01
CA LYS C 258 25.15 29.28 -49.38
C LYS C 258 25.50 28.95 -50.83
N ASP C 259 25.38 29.94 -51.72
CA ASP C 259 25.71 29.75 -53.13
C ASP C 259 27.10 29.16 -53.28
N GLN C 260 28.10 29.97 -52.96
CA GLN C 260 29.49 29.57 -53.05
C GLN C 260 29.77 28.21 -52.41
N TYR C 261 29.03 27.86 -51.37
CA TYR C 261 29.26 26.59 -50.69
C TYR C 261 28.85 25.41 -51.55
N ARG C 262 27.70 25.52 -52.21
CA ARG C 262 27.22 24.45 -53.06
C ARG C 262 28.08 24.36 -54.31
N ALA C 263 28.63 25.50 -54.73
CA ALA C 263 29.48 25.53 -55.91
C ALA C 263 30.74 24.74 -55.65
N GLY C 264 31.66 25.35 -54.90
CA GLY C 264 32.92 24.72 -54.58
C GLY C 264 33.94 25.81 -54.33
N GLY C 265 34.98 25.49 -53.58
CA GLY C 265 36.00 26.49 -53.30
C GLY C 265 35.77 27.17 -51.97
N LEU C 266 34.59 26.96 -51.39
CA LEU C 266 34.26 27.55 -50.10
C LEU C 266 34.29 26.43 -49.05
N GLY C 267 35.37 26.36 -48.29
CA GLY C 267 35.46 25.31 -47.29
C GLY C 267 34.70 25.64 -46.02
N ASP C 268 34.58 24.65 -45.13
CA ASP C 268 33.88 24.85 -43.88
C ASP C 268 34.58 25.91 -43.04
N VAL C 269 35.90 26.03 -43.22
CA VAL C 269 36.70 26.98 -42.47
C VAL C 269 36.25 28.42 -42.66
N LYS C 270 36.18 28.87 -43.90
CA LYS C 270 35.74 30.24 -44.17
C LYS C 270 34.34 30.48 -43.62
N VAL C 271 33.43 29.56 -43.92
CA VAL C 271 32.04 29.67 -43.47
C VAL C 271 31.90 29.77 -41.97
N LYS C 272 32.62 28.92 -41.25
CA LYS C 272 32.58 28.91 -39.80
C LYS C 272 33.23 30.15 -39.21
N LYS C 273 34.27 30.63 -39.87
CA LYS C 273 34.98 31.81 -39.42
C LYS C 273 33.98 32.96 -39.44
N HIS C 274 33.10 32.95 -40.43
CA HIS C 274 32.11 34.01 -40.53
C HIS C 274 31.05 33.80 -39.46
N LEU C 275 30.69 32.54 -39.21
CA LEU C 275 29.69 32.23 -38.21
C LEU C 275 30.17 32.75 -36.86
N ILE C 276 31.46 32.60 -36.60
CA ILE C 276 32.05 33.05 -35.35
C ILE C 276 31.86 34.56 -35.18
N ASP C 277 32.05 35.28 -36.28
CA ASP C 277 31.90 36.74 -36.31
C ASP C 277 30.46 37.14 -36.03
N VAL C 278 29.51 36.42 -36.63
CA VAL C 278 28.11 36.72 -36.39
C VAL C 278 27.68 36.37 -34.95
N LEU C 279 28.06 35.19 -34.47
CA LEU C 279 27.68 34.81 -33.11
C LEU C 279 28.31 35.70 -32.05
N ASN C 280 29.56 36.12 -32.29
CA ASN C 280 30.24 37.00 -31.35
C ASN C 280 29.55 38.37 -31.33
N GLY C 281 28.93 38.76 -32.43
CA GLY C 281 28.24 40.04 -32.46
C GLY C 281 26.93 39.97 -31.70
N VAL C 282 26.26 38.82 -31.79
CA VAL C 282 24.99 38.64 -31.09
C VAL C 282 25.25 38.41 -29.60
N LEU C 283 26.31 37.65 -29.31
CA LEU C 283 26.69 37.30 -27.95
C LEU C 283 27.44 38.37 -27.17
N ALA C 284 28.31 39.11 -27.85
CA ALA C 284 29.08 40.17 -27.21
C ALA C 284 28.24 40.98 -26.21
N PRO C 285 27.19 41.68 -26.67
CA PRO C 285 26.41 42.44 -25.69
C PRO C 285 25.80 41.56 -24.58
N ILE C 286 25.60 40.27 -24.85
CA ILE C 286 25.02 39.39 -23.85
C ILE C 286 26.06 39.06 -22.77
N ARG C 287 27.31 38.92 -23.20
CA ARG C 287 28.39 38.63 -22.28
C ARG C 287 28.66 39.84 -21.39
N THR C 288 28.65 41.02 -21.99
CA THR C 288 28.91 42.24 -21.21
C THR C 288 27.89 42.42 -20.09
N ARG C 289 26.60 42.35 -20.41
CA ARG C 289 25.57 42.50 -19.38
C ARG C 289 25.71 41.35 -18.37
N ARG C 290 26.02 40.16 -18.86
CA ARG C 290 26.18 39.05 -17.95
C ARG C 290 27.31 39.35 -16.98
N ALA C 291 28.45 39.78 -17.52
CA ALA C 291 29.60 40.09 -16.67
C ALA C 291 29.18 41.14 -15.65
N GLU C 292 28.47 42.17 -16.10
CA GLU C 292 28.03 43.20 -15.19
C GLU C 292 27.25 42.62 -14.01
N TYR C 293 26.21 41.84 -14.30
CA TYR C 293 25.42 41.25 -13.25
C TYR C 293 26.22 40.32 -12.34
N GLU C 294 27.47 40.06 -12.75
CA GLU C 294 28.35 39.21 -11.94
C GLU C 294 29.04 40.08 -10.89
N ARG C 295 29.18 41.36 -11.17
CA ARG C 295 29.81 42.30 -10.23
C ARG C 295 28.75 42.71 -9.22
N ASP C 296 27.54 42.88 -9.72
CA ASP C 296 26.39 43.30 -8.95
C ASP C 296 25.46 42.11 -8.69
N PRO C 297 25.92 41.14 -7.91
CA PRO C 297 25.13 39.94 -7.60
C PRO C 297 23.80 40.25 -6.90
N ASP C 298 23.77 41.29 -6.07
CA ASP C 298 22.54 41.68 -5.37
C ASP C 298 21.48 42.05 -6.40
N ALA C 299 21.91 42.66 -7.51
CA ALA C 299 20.98 43.06 -8.55
C ALA C 299 20.19 41.85 -9.09
N VAL C 300 20.85 40.71 -9.25
CA VAL C 300 20.17 39.50 -9.75
C VAL C 300 19.14 39.03 -8.74
N LEU C 301 19.55 38.94 -7.47
CA LEU C 301 18.64 38.50 -6.42
C LEU C 301 17.45 39.47 -6.33
N ARG C 302 17.73 40.76 -6.47
CA ARG C 302 16.68 41.77 -6.43
C ARG C 302 15.66 41.48 -7.54
N PHE C 303 16.16 41.17 -8.73
CA PHE C 303 15.33 40.85 -9.90
C PHE C 303 14.31 39.75 -9.59
N VAL C 304 14.77 38.68 -8.94
CA VAL C 304 13.91 37.55 -8.60
C VAL C 304 13.02 37.72 -7.37
N THR C 305 13.54 38.34 -6.31
CA THR C 305 12.74 38.53 -5.11
C THR C 305 11.59 39.52 -5.36
N GLU C 306 11.85 40.52 -6.17
CA GLU C 306 10.83 41.51 -6.44
C GLU C 306 9.75 40.97 -7.39
N GLY C 307 10.18 40.31 -8.47
CA GLY C 307 9.24 39.74 -9.42
C GLY C 307 8.37 38.74 -8.69
N THR C 308 9.02 37.91 -7.88
CA THR C 308 8.31 36.90 -7.11
C THR C 308 7.21 37.51 -6.26
N ALA C 309 7.53 38.60 -5.55
CA ALA C 309 6.55 39.27 -4.70
C ALA C 309 5.37 39.74 -5.53
N ARG C 310 5.66 40.38 -6.66
CA ARG C 310 4.57 40.83 -7.53
C ARG C 310 3.77 39.62 -7.97
N GLY C 311 4.47 38.59 -8.43
CA GLY C 311 3.82 37.39 -8.91
C GLY C 311 2.97 36.71 -7.85
N ARG C 312 3.53 36.63 -6.67
CA ARG C 312 2.87 36.01 -5.54
C ARG C 312 1.52 36.73 -5.32
N GLU C 313 1.56 38.06 -5.35
CA GLU C 313 0.38 38.87 -5.14
C GLU C 313 -0.66 38.63 -6.22
N VAL C 314 -0.22 38.51 -7.46
CA VAL C 314 -1.17 38.27 -8.54
C VAL C 314 -1.85 36.91 -8.35
N ALA C 315 -1.07 35.89 -8.01
CA ALA C 315 -1.60 34.55 -7.79
C ALA C 315 -2.54 34.52 -6.58
N ALA C 316 -2.24 35.29 -5.54
CA ALA C 316 -3.11 35.31 -4.37
C ALA C 316 -4.49 35.85 -4.79
N GLN C 317 -4.47 36.81 -5.69
CA GLN C 317 -5.71 37.41 -6.15
C GLN C 317 -6.56 36.40 -6.90
N THR C 318 -5.93 35.66 -7.79
CA THR C 318 -6.65 34.65 -8.55
C THR C 318 -7.20 33.55 -7.61
N LEU C 319 -6.36 33.04 -6.71
CA LEU C 319 -6.84 32.01 -5.80
C LEU C 319 -8.05 32.51 -5.00
N GLY C 320 -8.07 33.80 -4.67
CA GLY C 320 -9.20 34.36 -3.95
C GLY C 320 -10.47 34.11 -4.75
N GLN C 321 -10.46 34.51 -6.01
CA GLN C 321 -11.63 34.29 -6.86
C GLN C 321 -11.90 32.79 -7.00
N VAL C 322 -10.83 32.01 -7.11
CA VAL C 322 -10.96 30.57 -7.24
C VAL C 322 -11.63 29.96 -6.01
N ARG C 323 -11.15 30.30 -4.81
CA ARG C 323 -11.74 29.75 -3.59
C ARG C 323 -13.22 30.14 -3.42
N ARG C 324 -13.59 31.35 -3.88
CA ARG C 324 -14.98 31.78 -3.75
C ARG C 324 -15.83 31.07 -4.80
N ALA C 325 -15.31 30.99 -6.02
CA ALA C 325 -16.00 30.34 -7.13
C ALA C 325 -16.27 28.88 -6.78
N MET C 326 -15.36 28.25 -6.04
CA MET C 326 -15.51 26.84 -5.68
C MET C 326 -16.35 26.58 -4.44
N ARG C 327 -16.88 27.67 -3.86
CA ARG C 327 -17.69 27.57 -2.65
C ARG C 327 -16.96 26.87 -1.51
N LEU C 328 -15.65 27.05 -1.42
CA LEU C 328 -14.91 26.41 -0.34
C LEU C 328 -15.34 27.03 0.98
N PHE C 329 -15.30 26.22 2.04
CA PHE C 329 -15.69 26.66 3.35
C PHE C 329 -14.94 27.93 3.75
N GLY C 330 -15.71 28.94 4.19
CA GLY C 330 -15.12 30.21 4.61
C GLY C 330 -14.90 31.21 3.49
N HIS C 331 -15.41 30.90 2.31
CA HIS C 331 -15.24 31.77 1.16
C HIS C 331 -16.56 31.95 0.42
N TRP D . 9.81 23.75 -20.47
CA TRP D . 8.78 24.02 -19.47
C TRP D . 7.46 23.39 -19.88
O TRP D . 7.45 22.36 -20.58
CB TRP D . 8.59 25.55 -19.31
CG TRP D . 7.49 25.97 -18.38
CD1 TRP D . 7.37 25.65 -17.06
CD2 TRP D . 6.35 26.78 -18.71
NE1 TRP D . 6.22 26.19 -16.54
CE2 TRP D . 5.59 26.91 -17.52
CE3 TRP D . 5.90 27.40 -19.87
CZ2 TRP D . 4.37 27.62 -17.49
CZ3 TRP D . 4.69 28.10 -19.83
CH2 TRP D . 3.96 28.21 -18.65
OXT TRP D . 6.40 23.91 -19.44
#